data_9CLW
#
_entry.id   9CLW
#
_cell.length_a   1.00
_cell.length_b   1.00
_cell.length_c   1.00
_cell.angle_alpha   90.00
_cell.angle_beta   90.00
_cell.angle_gamma   90.00
#
_symmetry.space_group_name_H-M   'P 1'
#
loop_
_entity.id
_entity.type
_entity.pdbx_description
1 polymer 'Guanine nucleotide-binding protein G(q) subunit alpha'
2 polymer 'Guanine nucleotide-binding protein G(I)/G(S)/G(T) subunit beta-1'
3 polymer scFv16
4 polymer 'Free fatty acid receptor 2'
5 polymer 'Guanine nucleotide-binding protein G(I)/G(S)/G(O) subunit gamma-2'
6 non-polymer '(2R,4R)-2-(2-chlorophenyl)-3-[4-(3,5-dimethyl-1,2-oxazol-4-yl)phenyl]carbonyl-1,3-thiazolidine-4-carboxylic acid'
7 non-polymer (2~{S})-2-(4-chlorophenyl)-3-methyl-~{N}-(1,3-thiazol-2-yl)butanamide
8 non-polymer CHOLESTEROL
9 non-polymer 'PALMITIC ACID'
#
loop_
_entity_poly.entity_id
_entity_poly.type
_entity_poly.pdbx_seq_one_letter_code
_entity_poly.pdbx_strand_id
1 'polypeptide(L)'
;MGSTVSAEDKAAAERSKMIDKNLREDGEKARRTLRLLLLGADNSGKSTIVKQMRILHGGSGGSGGTSGIFETKFQVDKVN
FHMFDVGGQRDERRKWIQCFNDVTAIIFVVDSSDYNRLQEALNDFKSIWNNRWLRTISVILFLNKQDLLAEKVLAGKSKI
EDYFPEFARYTTPEDATPEPGEDPRVTRAKYFIRKEFVDISTASGDGRHICYPHFTCAVDTENARRIFNDCKDIILQMNL
REYNLV
;
A
2 'polypeptide(L)'
;MHHHHHHGSSGSELDQLRQEAEQLKNQIRDARKACADATLSQITNNIDPVGRIQMRTRRTLRGHLAKIYAMHWGTDSRLL
VSASQDGKLIIWDSYTTNKVHAIPLRSSWVMTCAYAPSGNYVACGGLDNICSIYNLKTREGNVRVSRELAGHTGYLSCCR
FLDDNQIVTSSGDTTCALWDIETGQQTTTFTGHTGDVMSLSLAPDTRLFVSGACDASAKLWDVREGMCRQTFTGHESDIN
AICFFPNGNAFATGSDDATCRLFDLRADQELMTYSHDNIICGITSVSFSKSGRLLLAGYDDFNCNVWDALKADRAGVLAG
HDNRVSCLGVTDDGMAVATGSWDSFLKIWNGSSGGGGSGGGGSSGVSGWRLFKKIS
;
B
3 'polypeptide(L)'
;VQLVESGGGLVQPGGSRKLSCSASGFAFSSFGMHWVRQAPEKGLEWVAYISSGSGTIYYADTVKGRFTISRDDPKNTLFL
QMTSLRSEDTAMYYCVRSIYYYGSSPFDFWGQGTTLTVSAGGGGSGGGGSGGGGSADIVMTQATSSVPVTPGESVSISCR
SSKSLLHSNGNTYLYWFLQRPGQSPQLLIYRMSNLASGVPDRFSGSGSGTAFTLTISRLEAEDVGVYYCMQHLEYPLTFG
AGTKLELLEENLYFQGASHHHHHHHH
;
N
4 'polypeptide(L)'
;DYKDDDDGQPGNGSAFLLAPNGSHAPDHNVTQQRDEENLYFQGVDMLPDWKSSLILMAYIIIFLTGLPANLLALRAFVGR
IRQPQPAPVHILLLSLTLADLLLLLLLPFKIIEAASNFRWYLPKVVCALTSFGFYSSIYCSTWLLAGISIERYLGVAFPV
QYKLSRRPLYGVIAALVAWVMSFGHCTIVIIVQYLNTTEQVRSGNEITCYENFTDNQLDVVLPVRLELCLVLFFIPMAVT
IFCYWRFVWIMLSQPLVGAQRRRRAVGLAVVTLLNFLVCFGPYNVSHLVGYHQRKSPWWRSIAVVFSSLNASLDPLLFYF
SSSVVRRAFGRGLQVLRNQGSSLLGRRGKDTAEGTNEDRGVGQGEGMPSSDFTTEAAAVFTLEDFVGDWEQTAAYNLDQV
LEQGGVSSLLQNLAVSVTPIQRIVRSGENALKIDIHVIIPYEGLSADQMAQIEEVFKVVYPVDDHHFKVILPYGTLVIDG
VTPNMLNYFGRPYEGIAVFDGKKITVTGTLWNGNKIIDERLITPDGSMLFRVTINSHHHHHHHH
;
R
5 'polypeptide(L)' MASNNTASIAQARKLVEQLKMEANIDRIKVSKAAADLMAYCEAHAKEDPLLTPVPASENPFREKKFFCAIL G
#
loop_
_chem_comp.id
_chem_comp.type
_chem_comp.name
_chem_comp.formula
9UJ non-polymer '(2R,4R)-2-(2-chlorophenyl)-3-[4-(3,5-dimethyl-1,2-oxazol-4-yl)phenyl]carbonyl-1,3-thiazolidine-4-carboxylic acid' 'C22 H19 Cl N2 O4 S'
A1LYC non-polymer (2~{S})-2-(4-chlorophenyl)-3-methyl-~{N}-(1,3-thiazol-2-yl)butanamide 'C14 H15 Cl N2 O S'
CLR non-polymer CHOLESTEROL 'C27 H46 O'
PLM non-polymer 'PALMITIC ACID' 'C16 H32 O2'
#
# COMPACT_ATOMS: atom_id res chain seq x y z
N VAL A 5 22.44 11.86 7.96
CA VAL A 5 21.56 12.68 7.14
C VAL A 5 22.21 14.03 6.84
N SER A 6 22.14 14.44 5.58
CA SER A 6 22.70 15.75 5.17
C SER A 6 21.59 16.80 5.19
N ALA A 7 21.90 18.03 4.80
CA ALA A 7 20.91 19.12 4.85
C ALA A 7 19.87 18.88 3.76
N GLU A 8 20.26 18.19 2.70
CA GLU A 8 19.32 17.97 1.56
C GLU A 8 18.60 16.64 1.74
N ASP A 9 18.97 15.86 2.75
CA ASP A 9 18.22 14.61 3.04
C ASP A 9 17.24 14.92 4.15
N LYS A 10 17.58 15.86 5.03
CA LYS A 10 16.59 16.27 6.02
C LYS A 10 15.40 16.94 5.35
N ALA A 11 15.64 17.81 4.36
CA ALA A 11 14.54 18.43 3.63
C ALA A 11 13.78 17.42 2.80
N ALA A 12 14.47 16.43 2.24
CA ALA A 12 13.78 15.36 1.52
C ALA A 12 12.87 14.56 2.47
N ALA A 13 13.36 14.28 3.68
CA ALA A 13 12.54 13.60 4.67
C ALA A 13 11.34 14.44 5.08
N GLU A 14 11.53 15.76 5.19
CA GLU A 14 10.39 16.64 5.49
C GLU A 14 9.37 16.61 4.36
N ARG A 15 9.83 16.62 3.11
CA ARG A 15 8.92 16.51 1.98
C ARG A 15 8.18 15.18 2.00
N SER A 16 8.88 14.10 2.34
CA SER A 16 8.23 12.80 2.46
C SER A 16 7.18 12.81 3.57
N LYS A 17 7.48 13.48 4.67
CA LYS A 17 6.50 13.58 5.76
C LYS A 17 5.27 14.36 5.32
N MET A 18 5.47 15.44 4.56
CA MET A 18 4.32 16.19 4.05
C MET A 18 3.51 15.35 3.07
N ILE A 19 4.18 14.56 2.23
CA ILE A 19 3.49 13.65 1.32
C ILE A 19 2.68 12.63 2.09
N ASP A 20 3.26 12.09 3.16
CA ASP A 20 2.55 11.15 4.03
C ASP A 20 1.33 11.79 4.67
N LYS A 21 1.46 13.03 5.12
CA LYS A 21 0.32 13.73 5.71
C LYS A 21 -0.80 13.92 4.70
N ASN A 22 -0.44 14.33 3.47
CA ASN A 22 -1.45 14.50 2.44
C ASN A 22 -2.12 13.16 2.10
N LEU A 23 -1.33 12.09 2.02
CA LEU A 23 -1.89 10.77 1.74
C LEU A 23 -2.86 10.33 2.83
N ARG A 24 -2.48 10.53 4.09
CA ARG A 24 -3.36 10.15 5.20
C ARG A 24 -4.64 10.99 5.19
N GLU A 25 -4.52 12.28 4.90
CA GLU A 25 -5.72 13.13 4.82
C GLU A 25 -6.64 12.66 3.70
N ASP A 26 -6.07 12.33 2.53
CA ASP A 26 -6.90 11.84 1.42
C ASP A 26 -7.55 10.51 1.76
N GLY A 27 -6.82 9.62 2.42
CA GLY A 27 -7.40 8.36 2.83
C GLY A 27 -8.53 8.53 3.83
N GLU A 28 -8.36 9.43 4.79
CA GLU A 28 -9.41 9.71 5.75
C GLU A 28 -10.65 10.28 5.06
N LYS A 29 -10.43 11.18 4.09
CA LYS A 29 -11.55 11.76 3.36
C LYS A 29 -12.28 10.70 2.53
N ALA A 30 -11.53 9.77 1.92
CA ALA A 30 -12.15 8.75 1.08
C ALA A 30 -12.72 7.58 1.86
N ARG A 31 -12.36 7.43 3.13
CA ARG A 31 -12.89 6.31 3.93
C ARG A 31 -14.33 6.51 4.34
N ARG A 32 -14.91 7.69 4.11
CA ARG A 32 -16.30 7.97 4.57
C ARG A 32 -17.33 7.50 3.54
N THR A 33 -16.89 6.96 2.40
CA THR A 33 -17.80 6.50 1.36
C THR A 33 -17.77 4.98 1.26
N LEU A 34 -18.92 4.38 1.00
CA LEU A 34 -19.05 2.95 0.84
C LEU A 34 -19.07 2.61 -0.65
N ARG A 35 -18.26 1.64 -1.05
CA ARG A 35 -18.09 1.28 -2.45
C ARG A 35 -18.94 0.07 -2.79
N LEU A 36 -19.62 0.14 -3.94
CA LEU A 36 -20.47 -0.93 -4.43
C LEU A 36 -20.14 -1.22 -5.89
N LEU A 37 -20.41 -2.45 -6.33
CA LEU A 37 -20.19 -2.84 -7.74
C LEU A 37 -21.52 -3.32 -8.32
N LEU A 38 -21.95 -2.75 -9.44
CA LEU A 38 -23.27 -3.14 -10.01
C LEU A 38 -23.00 -4.13 -11.13
N LEU A 39 -23.60 -5.32 -11.05
CA LEU A 39 -23.41 -6.36 -12.08
C LEU A 39 -24.78 -6.81 -12.60
N GLY A 40 -24.84 -7.34 -13.81
CA GLY A 40 -26.13 -7.76 -14.38
C GLY A 40 -26.07 -7.95 -15.88
N ALA A 41 -27.17 -8.37 -16.50
CA ALA A 41 -27.21 -8.63 -17.93
C ALA A 41 -27.65 -7.38 -18.68
N ASP A 42 -27.67 -7.48 -20.01
CA ASP A 42 -28.06 -6.35 -20.84
C ASP A 42 -29.52 -5.98 -20.62
N ASN A 43 -30.39 -6.97 -20.53
CA ASN A 43 -31.82 -6.75 -20.35
C ASN A 43 -32.22 -6.59 -18.88
N SER A 44 -31.22 -6.65 -18.00
CA SER A 44 -31.47 -6.60 -16.54
C SER A 44 -31.96 -5.23 -16.06
N GLY A 45 -31.78 -4.18 -16.85
CA GLY A 45 -32.15 -2.83 -16.36
C GLY A 45 -31.32 -2.47 -15.14
N LYS A 46 -30.02 -2.76 -15.17
CA LYS A 46 -29.14 -2.52 -14.00
C LYS A 46 -29.11 -1.04 -13.63
N SER A 47 -29.02 -0.15 -14.61
CA SER A 47 -28.86 1.29 -14.32
C SER A 47 -30.06 1.85 -13.54
N THR A 48 -31.27 1.40 -13.84
CA THR A 48 -32.49 1.99 -13.24
C THR A 48 -32.69 1.61 -11.78
N ILE A 49 -31.83 0.78 -11.19
CA ILE A 49 -32.07 0.31 -9.79
C ILE A 49 -32.10 1.51 -8.83
N VAL A 50 -30.98 2.23 -8.64
CA VAL A 50 -30.93 3.30 -7.60
C VAL A 50 -31.68 4.56 -8.05
N LYS A 51 -32.21 4.57 -9.27
CA LYS A 51 -33.04 5.70 -9.75
C LYS A 51 -32.25 6.99 -9.49
N GLN A 52 -32.69 7.87 -8.67
CA GLN A 52 -32.25 9.30 -8.62
C GLN A 52 -30.80 9.09 -8.19
N MET A 53 -29.87 9.17 -9.14
CA MET A 53 -28.43 9.00 -8.83
C MET A 53 -27.99 10.16 -7.95
N GLY A 68 -14.34 4.16 -18.53
CA GLY A 68 -15.00 2.89 -18.76
C GLY A 68 -15.85 2.40 -17.61
N ILE A 69 -15.82 3.10 -16.48
CA ILE A 69 -16.63 2.77 -15.31
C ILE A 69 -17.61 3.90 -15.09
N PHE A 70 -18.92 3.58 -15.08
CA PHE A 70 -19.96 4.57 -14.87
C PHE A 70 -20.23 4.68 -13.37
N GLU A 71 -19.38 5.46 -12.70
CA GLU A 71 -19.51 5.63 -11.26
C GLU A 71 -20.79 6.39 -10.92
N THR A 72 -21.56 5.87 -9.98
CA THR A 72 -22.80 6.48 -9.52
C THR A 72 -22.69 6.73 -8.02
N LYS A 73 -22.97 7.96 -7.61
CA LYS A 73 -22.86 8.35 -6.21
C LYS A 73 -24.23 8.78 -5.71
N PHE A 74 -24.76 8.08 -4.71
CA PHE A 74 -25.99 8.45 -4.05
C PHE A 74 -25.79 8.45 -2.54
N GLN A 75 -26.51 9.33 -1.86
CA GLN A 75 -26.38 9.49 -0.42
C GLN A 75 -27.71 9.18 0.25
N VAL A 76 -27.68 8.32 1.27
CA VAL A 76 -28.87 7.98 2.04
C VAL A 76 -28.48 7.93 3.52
N ASP A 77 -29.31 8.57 4.36
CA ASP A 77 -29.07 8.61 5.81
C ASP A 77 -27.69 9.15 6.13
N LYS A 78 -27.28 10.20 5.40
CA LYS A 78 -25.99 10.87 5.57
C LYS A 78 -24.81 9.92 5.37
N VAL A 79 -25.00 8.85 4.59
CA VAL A 79 -23.93 7.92 4.24
C VAL A 79 -23.75 7.97 2.73
N ASN A 80 -22.52 8.23 2.29
CA ASN A 80 -22.22 8.38 0.88
C ASN A 80 -21.92 7.02 0.27
N PHE A 81 -22.62 6.69 -0.81
CA PHE A 81 -22.45 5.41 -1.49
C PHE A 81 -21.84 5.63 -2.86
N HIS A 82 -20.84 4.80 -3.19
CA HIS A 82 -20.19 4.82 -4.50
C HIS A 82 -20.49 3.51 -5.20
N MET A 83 -21.08 3.59 -6.38
CA MET A 83 -21.44 2.40 -7.15
C MET A 83 -20.74 2.44 -8.49
N PHE A 84 -20.00 1.39 -8.81
CA PHE A 84 -19.17 1.33 -10.02
C PHE A 84 -19.79 0.34 -11.00
N ASP A 85 -20.47 0.88 -12.00
CA ASP A 85 -21.00 0.07 -13.10
C ASP A 85 -19.93 -0.01 -14.18
N VAL A 86 -19.30 -1.18 -14.31
CA VAL A 86 -18.23 -1.36 -15.28
C VAL A 86 -18.81 -1.75 -16.63
N GLY A 87 -19.21 -0.77 -17.42
CA GLY A 87 -19.75 -1.02 -18.74
C GLY A 87 -18.68 -1.28 -19.77
N GLY A 88 -19.11 -1.75 -20.94
CA GLY A 88 -18.15 -2.05 -22.03
C GLY A 88 -17.26 -3.22 -21.69
N GLN A 89 -15.97 -2.95 -21.47
CA GLN A 89 -15.00 -4.04 -21.18
C GLN A 89 -15.22 -5.18 -22.18
N ARG A 90 -15.35 -6.41 -21.70
CA ARG A 90 -15.63 -7.56 -22.60
C ARG A 90 -16.76 -8.41 -22.00
N ASP A 91 -17.18 -9.47 -22.69
CA ASP A 91 -18.28 -10.30 -22.21
C ASP A 91 -18.00 -10.87 -20.83
N GLU A 92 -16.78 -11.36 -20.61
CA GLU A 92 -16.44 -11.96 -19.32
C GLU A 92 -16.30 -10.89 -18.24
N ARG A 93 -16.67 -11.26 -17.02
CA ARG A 93 -16.53 -10.41 -15.85
C ARG A 93 -15.34 -10.84 -14.98
N ARG A 94 -14.40 -11.57 -15.57
CA ARG A 94 -13.28 -12.11 -14.76
C ARG A 94 -11.99 -11.37 -15.08
N LYS A 95 -11.01 -11.43 -14.17
CA LYS A 95 -9.66 -10.82 -14.39
C LYS A 95 -9.75 -9.31 -14.20
N TRP A 96 -10.96 -8.77 -14.10
CA TRP A 96 -11.09 -7.33 -13.76
C TRP A 96 -11.81 -7.26 -12.43
N ILE A 97 -12.38 -8.39 -12.00
CA ILE A 97 -13.12 -8.36 -10.75
C ILE A 97 -12.21 -8.49 -9.55
N GLN A 98 -10.90 -8.74 -9.78
CA GLN A 98 -9.95 -8.69 -8.68
C GLN A 98 -9.89 -7.32 -8.05
N CYS A 99 -10.11 -6.27 -8.84
CA CYS A 99 -10.08 -4.91 -8.29
C CYS A 99 -11.19 -4.72 -7.28
N PHE A 100 -12.37 -5.27 -7.54
CA PHE A 100 -13.51 -5.13 -6.64
C PHE A 100 -13.52 -6.21 -5.56
N ASN A 101 -12.40 -6.32 -4.84
CA ASN A 101 -12.31 -7.23 -3.71
C ASN A 101 -12.63 -6.56 -2.38
N ASP A 102 -12.53 -5.23 -2.32
CA ASP A 102 -12.78 -4.48 -1.10
C ASP A 102 -14.15 -3.80 -1.09
N VAL A 103 -14.99 -4.07 -2.08
CA VAL A 103 -16.32 -3.48 -2.11
C VAL A 103 -17.16 -4.07 -1.00
N THR A 104 -17.99 -3.23 -0.37
CA THR A 104 -18.82 -3.71 0.73
C THR A 104 -19.83 -4.75 0.25
N ALA A 105 -20.44 -4.52 -0.92
CA ALA A 105 -21.43 -5.45 -1.43
C ALA A 105 -21.46 -5.36 -2.95
N ILE A 106 -22.01 -6.40 -3.58
CA ILE A 106 -22.18 -6.46 -5.01
C ILE A 106 -23.68 -6.44 -5.31
N ILE A 107 -24.11 -5.48 -6.11
CA ILE A 107 -25.53 -5.29 -6.42
C ILE A 107 -25.80 -6.04 -7.72
N PHE A 108 -26.21 -7.30 -7.59
CA PHE A 108 -26.56 -8.12 -8.74
C PHE A 108 -28.01 -7.87 -9.13
N VAL A 109 -28.22 -7.53 -10.40
CA VAL A 109 -29.55 -7.24 -10.93
C VAL A 109 -29.85 -8.24 -12.03
N VAL A 110 -31.01 -8.89 -11.94
CA VAL A 110 -31.40 -9.93 -12.89
C VAL A 110 -32.86 -9.70 -13.30
N ASP A 111 -33.13 -9.85 -14.59
CA ASP A 111 -34.49 -9.75 -15.10
C ASP A 111 -35.22 -11.06 -14.81
N SER A 112 -36.24 -10.97 -13.94
CA SER A 112 -37.01 -12.15 -13.58
C SER A 112 -38.22 -12.37 -14.48
N SER A 113 -38.43 -11.53 -15.48
CA SER A 113 -39.56 -11.66 -16.39
C SER A 113 -39.23 -12.40 -17.68
N ASP A 114 -37.95 -12.48 -18.04
CA ASP A 114 -37.50 -13.16 -19.26
C ASP A 114 -36.90 -14.48 -18.81
N TYR A 115 -37.70 -15.55 -18.90
CA TYR A 115 -37.23 -16.85 -18.43
C TYR A 115 -36.31 -17.54 -19.42
N ASN A 116 -36.25 -17.08 -20.66
CA ASN A 116 -35.34 -17.66 -21.64
C ASN A 116 -33.89 -17.44 -21.22
N ARG A 117 -33.56 -16.26 -20.73
CA ARG A 117 -32.23 -15.93 -20.25
C ARG A 117 -32.09 -16.12 -18.74
N LEU A 118 -33.08 -16.73 -18.09
CA LEU A 118 -33.04 -16.89 -16.65
C LEU A 118 -32.00 -17.94 -16.24
N GLN A 119 -31.88 -19.02 -17.03
CA GLN A 119 -30.88 -20.04 -16.72
C GLN A 119 -29.47 -19.50 -16.84
N GLU A 120 -29.21 -18.69 -17.88
CA GLU A 120 -27.89 -18.07 -17.99
C GLU A 120 -27.66 -17.08 -16.86
N ALA A 121 -28.72 -16.45 -16.35
CA ALA A 121 -28.57 -15.61 -15.17
C ALA A 121 -28.19 -16.43 -13.94
N LEU A 122 -28.79 -17.61 -13.79
CA LEU A 122 -28.40 -18.50 -12.70
C LEU A 122 -26.93 -18.91 -12.84
N ASN A 123 -26.50 -19.21 -14.07
CA ASN A 123 -25.10 -19.56 -14.29
C ASN A 123 -24.18 -18.39 -13.94
N ASP A 124 -24.58 -17.17 -14.32
CA ASP A 124 -23.78 -15.99 -14.00
C ASP A 124 -23.68 -15.79 -12.49
N PHE A 125 -24.81 -15.95 -11.78
CA PHE A 125 -24.78 -15.80 -10.33
C PHE A 125 -23.94 -16.88 -9.68
N LYS A 126 -23.98 -18.11 -10.20
CA LYS A 126 -23.13 -19.17 -9.67
C LYS A 126 -21.66 -18.84 -9.88
N SER A 127 -21.32 -18.30 -11.06
CA SER A 127 -19.93 -17.93 -11.31
C SER A 127 -19.48 -16.80 -10.39
N ILE A 128 -20.37 -15.83 -10.13
CA ILE A 128 -20.02 -14.73 -9.25
C ILE A 128 -19.84 -15.23 -7.81
N TRP A 129 -20.75 -16.09 -7.34
CA TRP A 129 -20.71 -16.54 -5.96
C TRP A 129 -19.45 -17.35 -5.67
N ASN A 130 -19.06 -18.22 -6.59
CA ASN A 130 -17.95 -19.14 -6.39
C ASN A 130 -16.60 -18.55 -6.80
N ASN A 131 -16.56 -17.27 -7.18
CA ASN A 131 -15.29 -16.63 -7.49
C ASN A 131 -14.39 -16.65 -6.27
N ARG A 132 -13.11 -16.96 -6.49
CA ARG A 132 -12.16 -17.07 -5.39
C ARG A 132 -11.97 -15.75 -4.68
N TRP A 133 -11.98 -14.65 -5.42
CA TRP A 133 -11.75 -13.32 -4.87
C TRP A 133 -13.00 -12.68 -4.31
N LEU A 134 -14.16 -13.33 -4.42
CA LEU A 134 -15.41 -12.85 -3.86
C LEU A 134 -15.93 -13.79 -2.78
N ARG A 135 -15.04 -14.56 -2.16
CA ARG A 135 -15.43 -15.50 -1.11
C ARG A 135 -15.85 -14.78 0.17
N THR A 136 -15.58 -13.49 0.29
CA THR A 136 -15.96 -12.73 1.47
C THR A 136 -16.81 -11.51 1.16
N ILE A 137 -17.19 -11.30 -0.11
CA ILE A 137 -17.97 -10.14 -0.52
C ILE A 137 -19.42 -10.56 -0.70
N SER A 138 -20.32 -9.92 0.05
CA SER A 138 -21.72 -10.25 -0.02
C SER A 138 -22.33 -9.74 -1.32
N VAL A 139 -23.52 -10.26 -1.64
CA VAL A 139 -24.23 -9.91 -2.86
C VAL A 139 -25.63 -9.44 -2.49
N ILE A 140 -26.01 -8.27 -2.99
CA ILE A 140 -27.37 -7.74 -2.82
C ILE A 140 -28.07 -8.01 -4.14
N LEU A 141 -28.90 -9.04 -4.16
CA LEU A 141 -29.53 -9.51 -5.39
C LEU A 141 -30.89 -8.84 -5.57
N PHE A 142 -31.13 -8.33 -6.77
CA PHE A 142 -32.38 -7.66 -7.12
C PHE A 142 -33.07 -8.45 -8.22
N LEU A 143 -34.33 -8.80 -7.99
CA LEU A 143 -35.16 -9.42 -9.03
C LEU A 143 -35.93 -8.31 -9.73
N ASN A 144 -35.37 -7.82 -10.84
CA ASN A 144 -35.95 -6.69 -11.54
C ASN A 144 -37.18 -7.11 -12.33
N LYS A 145 -37.92 -6.10 -12.80
CA LYS A 145 -39.10 -6.29 -13.65
C LYS A 145 -40.14 -7.19 -12.97
N GLN A 146 -40.60 -6.72 -11.80
CA GLN A 146 -41.64 -7.45 -11.08
C GLN A 146 -42.99 -7.35 -11.78
N ASP A 147 -43.34 -6.15 -12.26
CA ASP A 147 -44.62 -5.96 -12.92
C ASP A 147 -44.73 -6.79 -14.19
N LEU A 148 -43.66 -6.83 -14.98
CA LEU A 148 -43.68 -7.65 -16.20
C LEU A 148 -43.84 -9.12 -15.86
N LEU A 149 -43.16 -9.59 -14.81
CA LEU A 149 -43.32 -10.98 -14.38
C LEU A 149 -44.76 -11.25 -13.98
N ALA A 150 -45.36 -10.35 -13.20
CA ALA A 150 -46.73 -10.56 -12.76
C ALA A 150 -47.69 -10.60 -13.95
N GLU A 151 -47.51 -9.68 -14.90
CA GLU A 151 -48.38 -9.67 -16.08
C GLU A 151 -48.19 -10.93 -16.92
N LYS A 152 -46.95 -11.38 -17.07
CA LYS A 152 -46.67 -12.57 -17.87
C LYS A 152 -47.30 -13.82 -17.25
N VAL A 153 -47.18 -13.97 -15.93
CA VAL A 153 -47.76 -15.14 -15.30
C VAL A 153 -49.28 -15.02 -15.23
N LEU A 154 -49.81 -13.79 -15.22
CA LEU A 154 -51.26 -13.61 -15.30
C LEU A 154 -51.80 -14.04 -16.66
N ALA A 155 -51.10 -13.65 -17.73
CA ALA A 155 -51.56 -14.01 -19.07
C ALA A 155 -51.56 -15.51 -19.28
N GLY A 156 -50.52 -16.20 -18.81
CA GLY A 156 -50.42 -17.64 -18.96
C GLY A 156 -49.91 -18.11 -20.30
N LYS A 157 -49.55 -17.20 -21.21
CA LYS A 157 -49.05 -17.60 -22.51
C LYS A 157 -47.75 -18.38 -22.39
N SER A 158 -46.85 -17.94 -21.51
CA SER A 158 -45.59 -18.62 -21.26
C SER A 158 -45.63 -19.27 -19.89
N LYS A 159 -45.27 -20.56 -19.84
CA LYS A 159 -45.30 -21.34 -18.61
C LYS A 159 -43.89 -21.47 -18.07
N ILE A 160 -43.74 -21.27 -16.76
CA ILE A 160 -42.43 -21.39 -16.13
C ILE A 160 -41.94 -22.83 -16.18
N GLU A 161 -42.86 -23.80 -16.06
CA GLU A 161 -42.50 -25.21 -16.07
C GLU A 161 -41.94 -25.64 -17.42
N ASP A 162 -42.21 -24.87 -18.49
CA ASP A 162 -41.66 -25.21 -19.80
C ASP A 162 -40.14 -25.18 -19.79
N TYR A 163 -39.55 -24.17 -19.15
CA TYR A 163 -38.11 -24.04 -19.07
C TYR A 163 -37.53 -24.72 -17.83
N PHE A 164 -38.25 -24.71 -16.72
CA PHE A 164 -37.81 -25.36 -15.47
C PHE A 164 -38.77 -26.48 -15.11
N PRO A 165 -38.44 -27.73 -15.41
CA PRO A 165 -39.38 -28.83 -15.11
C PRO A 165 -39.73 -28.95 -13.63
N GLU A 166 -38.83 -28.57 -12.73
CA GLU A 166 -39.07 -28.73 -11.30
C GLU A 166 -40.14 -27.79 -10.77
N PHE A 167 -40.57 -26.79 -11.56
CA PHE A 167 -41.58 -25.86 -11.06
C PHE A 167 -42.93 -26.54 -10.85
N ALA A 168 -43.30 -27.48 -11.73
CA ALA A 168 -44.61 -28.11 -11.63
C ALA A 168 -44.78 -28.86 -10.31
N ARG A 169 -43.75 -29.60 -9.90
CA ARG A 169 -43.79 -30.29 -8.62
C ARG A 169 -43.60 -29.35 -7.43
N TYR A 170 -43.06 -28.16 -7.67
CA TYR A 170 -42.80 -27.21 -6.60
C TYR A 170 -44.08 -26.47 -6.23
N THR A 171 -44.39 -26.41 -4.95
CA THR A 171 -45.54 -25.71 -4.41
C THR A 171 -45.07 -24.50 -3.60
N THR A 172 -46.01 -23.63 -3.28
CA THR A 172 -45.67 -22.38 -2.61
C THR A 172 -45.00 -22.64 -1.28
N PRO A 173 -44.02 -21.83 -0.88
CA PRO A 173 -43.36 -22.03 0.42
C PRO A 173 -44.32 -21.78 1.56
N GLU A 174 -44.37 -22.71 2.51
CA GLU A 174 -45.28 -22.59 3.64
C GLU A 174 -44.86 -21.45 4.54
N ASP A 175 -45.86 -20.74 5.08
CA ASP A 175 -45.63 -19.60 5.96
C ASP A 175 -44.76 -18.53 5.28
N ALA A 176 -45.14 -18.20 4.05
CA ALA A 176 -44.43 -17.16 3.31
C ALA A 176 -44.95 -15.78 3.73
N THR A 177 -44.43 -14.74 3.08
CA THR A 177 -44.79 -13.36 3.38
C THR A 177 -45.16 -12.63 2.10
N PRO A 178 -46.33 -12.94 1.51
CA PRO A 178 -46.80 -12.20 0.32
C PRO A 178 -47.59 -10.96 0.71
N GLU A 179 -46.85 -9.91 1.10
CA GLU A 179 -47.50 -8.68 1.58
C GLU A 179 -48.41 -8.06 0.54
N PRO A 180 -48.02 -7.85 -0.72
CA PRO A 180 -48.96 -7.27 -1.68
C PRO A 180 -50.08 -8.23 -2.02
N GLY A 181 -51.22 -7.67 -2.41
CA GLY A 181 -52.41 -8.46 -2.67
C GLY A 181 -52.50 -9.02 -4.07
N GLU A 182 -51.70 -10.04 -4.37
CA GLU A 182 -51.72 -10.70 -5.67
C GLU A 182 -52.29 -12.11 -5.54
N ASP A 183 -52.62 -12.70 -6.68
CA ASP A 183 -53.09 -14.07 -6.72
C ASP A 183 -51.96 -15.03 -6.39
N PRO A 184 -52.28 -16.26 -5.99
CA PRO A 184 -51.22 -17.21 -5.61
C PRO A 184 -50.23 -17.50 -6.72
N ARG A 185 -50.60 -17.35 -7.99
CA ARG A 185 -49.68 -17.65 -9.08
C ARG A 185 -48.48 -16.69 -9.07
N VAL A 186 -48.74 -15.40 -8.88
CA VAL A 186 -47.65 -14.42 -8.87
C VAL A 186 -46.70 -14.70 -7.72
N THR A 187 -47.25 -14.95 -6.53
CA THR A 187 -46.43 -15.25 -5.36
C THR A 187 -45.63 -16.53 -5.57
N ARG A 188 -46.26 -17.56 -6.14
CA ARG A 188 -45.57 -18.82 -6.38
C ARG A 188 -44.39 -18.62 -7.33
N ALA A 189 -44.60 -17.90 -8.43
CA ALA A 189 -43.53 -17.67 -9.38
C ALA A 189 -42.40 -16.84 -8.75
N LYS A 190 -42.76 -15.77 -8.04
CA LYS A 190 -41.75 -14.92 -7.43
C LYS A 190 -40.90 -15.68 -6.44
N TYR A 191 -41.54 -16.45 -5.55
CA TYR A 191 -40.78 -17.21 -4.57
C TYR A 191 -40.02 -18.36 -5.22
N PHE A 192 -40.51 -18.89 -6.34
CA PHE A 192 -39.75 -19.91 -7.06
C PHE A 192 -38.44 -19.35 -7.59
N ILE A 193 -38.48 -18.17 -8.22
CA ILE A 193 -37.25 -17.56 -8.70
C ILE A 193 -36.34 -17.20 -7.52
N ARG A 194 -36.92 -16.66 -6.45
CA ARG A 194 -36.11 -16.29 -5.29
C ARG A 194 -35.42 -17.51 -4.70
N LYS A 195 -36.13 -18.62 -4.54
CA LYS A 195 -35.52 -19.83 -4.00
C LYS A 195 -34.51 -20.43 -4.98
N GLU A 196 -34.75 -20.29 -6.29
CA GLU A 196 -33.77 -20.76 -7.27
C GLU A 196 -32.44 -20.02 -7.10
N PHE A 197 -32.51 -18.71 -6.86
CA PHE A 197 -31.28 -17.96 -6.61
C PHE A 197 -30.68 -18.31 -5.24
N VAL A 198 -31.52 -18.47 -4.22
CA VAL A 198 -31.03 -18.72 -2.88
C VAL A 198 -30.36 -20.08 -2.78
N ASP A 199 -30.80 -21.07 -3.57
CA ASP A 199 -30.17 -22.37 -3.54
C ASP A 199 -28.71 -22.29 -3.95
N ILE A 200 -28.41 -21.54 -5.03
CA ILE A 200 -27.03 -21.29 -5.39
C ILE A 200 -26.33 -20.43 -4.36
N SER A 201 -27.07 -19.49 -3.75
CA SER A 201 -26.47 -18.61 -2.76
C SER A 201 -25.94 -19.38 -1.55
N THR A 202 -26.71 -20.35 -1.05
CA THR A 202 -26.36 -21.08 0.16
C THR A 202 -25.66 -22.41 -0.12
N ALA A 203 -25.45 -22.78 -1.38
CA ALA A 203 -24.81 -24.10 -1.60
C ALA A 203 -23.32 -23.97 -1.31
N SER A 204 -22.84 -22.76 -1.02
CA SER A 204 -21.39 -22.52 -0.77
C SER A 204 -21.23 -21.22 0.02
N GLY A 205 -19.99 -20.87 0.36
CA GLY A 205 -19.73 -19.62 1.10
C GLY A 205 -19.50 -19.92 2.56
N ASP A 206 -19.95 -21.09 3.01
CA ASP A 206 -19.72 -21.52 4.39
C ASP A 206 -20.02 -20.41 5.39
N GLY A 207 -20.97 -19.53 5.06
CA GLY A 207 -21.37 -18.48 5.96
C GLY A 207 -20.47 -17.25 5.97
N ARG A 208 -19.40 -17.23 5.18
CA ARG A 208 -18.54 -16.06 5.13
C ARG A 208 -19.24 -14.88 4.48
N HIS A 209 -20.14 -15.14 3.54
CA HIS A 209 -20.90 -14.10 2.87
C HIS A 209 -22.26 -14.64 2.51
N ILE A 210 -23.27 -13.76 2.53
CA ILE A 210 -24.65 -14.16 2.27
C ILE A 210 -25.23 -13.27 1.18
N CYS A 211 -26.29 -13.76 0.54
CA CYS A 211 -26.97 -13.06 -0.54
C CYS A 211 -28.34 -12.59 -0.05
N TYR A 212 -28.64 -11.31 -0.28
CA TYR A 212 -29.91 -10.74 0.11
C TYR A 212 -30.79 -10.58 -1.12
N PRO A 213 -31.85 -11.38 -1.27
CA PRO A 213 -32.73 -11.23 -2.44
C PRO A 213 -33.87 -10.25 -2.20
N HIS A 214 -34.11 -9.40 -3.18
CA HIS A 214 -35.19 -8.44 -3.12
C HIS A 214 -36.05 -8.50 -4.38
N PHE A 215 -37.01 -7.59 -4.51
CA PHE A 215 -37.86 -7.52 -5.69
C PHE A 215 -38.05 -6.07 -6.08
N THR A 216 -37.82 -5.77 -7.35
CA THR A 216 -37.88 -4.41 -7.86
C THR A 216 -38.87 -4.33 -9.01
N CYS A 217 -39.71 -3.29 -8.99
CA CYS A 217 -40.76 -3.10 -9.97
C CYS A 217 -40.37 -2.13 -11.08
N ALA A 218 -39.09 -1.75 -11.15
CA ALA A 218 -38.54 -0.82 -12.13
C ALA A 218 -39.11 0.60 -12.00
N VAL A 219 -39.97 0.83 -11.01
CA VAL A 219 -40.50 2.16 -10.74
C VAL A 219 -40.41 2.55 -9.28
N ASP A 220 -39.93 1.66 -8.41
CA ASP A 220 -39.85 1.94 -6.99
C ASP A 220 -38.60 2.78 -6.69
N THR A 221 -38.76 3.76 -5.80
CA THR A 221 -37.68 4.63 -5.39
C THR A 221 -37.02 4.19 -4.09
N GLU A 222 -37.42 3.04 -3.54
CA GLU A 222 -36.90 2.56 -2.27
C GLU A 222 -35.71 1.63 -2.43
N ASN A 223 -35.16 1.51 -3.64
CA ASN A 223 -34.01 0.63 -3.86
C ASN A 223 -32.80 1.10 -3.06
N ALA A 224 -32.59 2.42 -2.98
CA ALA A 224 -31.48 2.94 -2.20
C ALA A 224 -31.63 2.58 -0.73
N ARG A 225 -32.85 2.62 -0.21
CA ARG A 225 -33.08 2.25 1.18
C ARG A 225 -32.75 0.79 1.43
N ARG A 226 -33.16 -0.10 0.52
CA ARG A 226 -32.84 -1.51 0.67
C ARG A 226 -31.34 -1.75 0.59
N ILE A 227 -30.66 -1.08 -0.33
CA ILE A 227 -29.21 -1.22 -0.44
C ILE A 227 -28.55 -0.74 0.85
N PHE A 228 -29.11 0.30 1.46
CA PHE A 228 -28.57 0.80 2.74
C PHE A 228 -28.87 -0.18 3.87
N ASN A 229 -30.16 -0.42 4.13
CA ASN A 229 -30.57 -1.31 5.24
C ASN A 229 -29.82 -2.64 5.15
N ASP A 230 -29.24 -2.96 3.99
CA ASP A 230 -28.57 -4.27 3.82
C ASP A 230 -27.07 -4.08 4.04
N CYS A 231 -26.53 -2.91 3.71
CA CYS A 231 -25.11 -2.63 4.04
C CYS A 231 -24.92 -2.35 5.53
N LYS A 232 -26.02 -2.27 6.27
CA LYS A 232 -25.93 -2.11 7.75
C LYS A 232 -25.89 -3.49 8.37
N ASP A 233 -26.13 -4.55 7.60
CA ASP A 233 -26.06 -5.94 8.10
C ASP A 233 -24.84 -6.60 7.49
N ILE A 234 -24.22 -5.94 6.51
CA ILE A 234 -22.95 -6.47 5.94
C ILE A 234 -21.87 -5.88 6.82
N ILE A 235 -22.04 -4.61 7.19
CA ILE A 235 -21.05 -3.94 8.02
C ILE A 235 -21.16 -4.43 9.46
N LEU A 236 -22.37 -4.69 9.94
CA LEU A 236 -22.53 -5.24 11.28
C LEU A 236 -21.91 -6.62 11.39
N GLN A 237 -22.10 -7.46 10.36
CA GLN A 237 -21.46 -8.78 10.36
C GLN A 237 -19.94 -8.65 10.34
N MET A 238 -19.41 -7.71 9.55
CA MET A 238 -17.97 -7.50 9.51
C MET A 238 -17.45 -7.03 10.87
N ASN A 239 -18.18 -6.14 11.54
CA ASN A 239 -17.79 -5.70 12.87
C ASN A 239 -17.80 -6.85 13.86
N LEU A 240 -18.81 -7.73 13.77
CA LEU A 240 -18.84 -8.91 14.62
C LEU A 240 -17.63 -9.80 14.37
N ARG A 241 -17.10 -9.81 13.15
CA ARG A 241 -15.97 -10.74 12.90
C ARG A 241 -14.66 -10.18 13.45
N GLU A 242 -14.56 -8.86 13.59
CA GLU A 242 -13.31 -8.23 14.08
C GLU A 242 -13.17 -8.46 15.57
N TYR A 243 -14.28 -8.45 16.30
CA TYR A 243 -14.26 -8.64 17.76
C TYR A 243 -14.30 -10.13 18.06
N ASN A 244 -14.12 -10.97 17.05
CA ASN A 244 -14.17 -12.44 17.22
C ASN A 244 -15.45 -12.86 17.94
N LEU A 245 -16.51 -12.05 17.86
CA LEU A 245 -17.81 -12.48 18.43
C LEU A 245 -18.52 -13.38 17.42
N VAL A 246 -17.89 -13.63 16.28
CA VAL A 246 -18.46 -14.51 15.21
C VAL A 246 -17.32 -15.13 14.42
N GLU B 13 -15.38 -24.02 -47.25
CA GLU B 13 -14.44 -23.05 -46.61
C GLU B 13 -14.05 -23.18 -45.13
N LEU B 14 -15.02 -23.44 -44.24
CA LEU B 14 -14.73 -23.47 -42.78
C LEU B 14 -14.09 -24.85 -42.63
N ASP B 15 -14.68 -25.87 -43.26
CA ASP B 15 -14.14 -27.25 -43.14
C ASP B 15 -12.70 -27.27 -43.64
N GLN B 16 -12.49 -27.03 -44.94
CA GLN B 16 -11.13 -27.05 -45.53
C GLN B 16 -10.20 -26.14 -44.72
N LEU B 17 -10.69 -25.00 -44.26
CA LEU B 17 -9.83 -24.04 -43.54
C LEU B 17 -9.38 -24.67 -42.21
N ARG B 18 -10.33 -25.09 -41.39
CA ARG B 18 -9.96 -25.78 -40.13
C ARG B 18 -9.03 -26.95 -40.48
N GLN B 19 -9.33 -27.69 -41.54
CA GLN B 19 -8.47 -28.81 -41.97
C GLN B 19 -7.04 -28.28 -42.17
N GLU B 20 -6.88 -27.21 -42.96
CA GLU B 20 -5.55 -26.59 -43.15
C GLU B 20 -4.95 -26.30 -41.78
N ALA B 21 -5.69 -25.59 -40.93
CA ALA B 21 -5.20 -25.29 -39.57
C ALA B 21 -4.71 -26.58 -38.92
N GLU B 22 -5.54 -27.63 -38.93
CA GLU B 22 -5.17 -28.90 -38.25
C GLU B 22 -3.81 -29.38 -38.79
N GLN B 23 -3.66 -29.53 -40.10
CA GLN B 23 -2.40 -30.10 -40.65
C GLN B 23 -1.23 -29.15 -40.37
N LEU B 24 -1.48 -27.84 -40.38
CA LEU B 24 -0.40 -26.86 -40.05
C LEU B 24 0.03 -27.09 -38.61
N LYS B 25 -0.94 -27.11 -37.70
CA LYS B 25 -0.62 -27.37 -36.27
C LYS B 25 0.19 -28.68 -36.19
N ASN B 26 -0.26 -29.72 -36.88
CA ASN B 26 0.48 -31.01 -36.90
C ASN B 26 1.95 -30.74 -37.23
N GLN B 27 2.19 -30.06 -38.34
CA GLN B 27 3.59 -29.71 -38.72
C GLN B 27 4.27 -29.06 -37.52
N ILE B 28 3.75 -27.92 -37.07
CA ILE B 28 4.40 -27.18 -35.94
C ILE B 28 4.70 -28.18 -34.82
N ARG B 29 3.67 -28.84 -34.30
CA ARG B 29 3.86 -29.80 -33.18
C ARG B 29 5.01 -30.75 -33.52
N ASP B 30 4.91 -31.47 -34.66
CA ASP B 30 5.93 -32.47 -35.02
C ASP B 30 7.30 -31.80 -35.16
N ALA B 31 7.35 -30.64 -35.82
CA ALA B 31 8.62 -29.89 -35.95
C ALA B 31 9.22 -29.68 -34.56
N ARG B 32 8.37 -29.26 -33.61
CA ARG B 32 8.85 -29.04 -32.22
C ARG B 32 9.39 -30.35 -31.67
N LYS B 33 8.64 -31.45 -31.81
CA LYS B 33 9.09 -32.77 -31.31
C LYS B 33 10.50 -33.06 -31.84
N ALA B 34 10.70 -32.86 -33.14
CA ALA B 34 12.03 -33.08 -33.75
C ALA B 34 13.09 -32.38 -32.89
N CYS B 35 12.97 -31.06 -32.75
CA CYS B 35 13.95 -30.29 -31.95
C CYS B 35 14.22 -31.00 -30.62
N ALA B 36 13.16 -31.34 -29.87
CA ALA B 36 13.34 -31.96 -28.54
C ALA B 36 14.33 -33.08 -28.88
N ASP B 37 15.52 -33.05 -28.26
CA ASP B 37 16.53 -34.12 -28.48
C ASP B 37 16.95 -34.42 -27.04
N ALA B 38 16.71 -33.47 -26.14
CA ALA B 38 17.05 -33.65 -24.72
C ALA B 38 16.10 -32.83 -23.86
N THR B 39 16.43 -32.64 -22.59
CA THR B 39 15.59 -31.80 -21.70
C THR B 39 16.61 -30.87 -21.04
N LEU B 40 16.15 -29.76 -20.47
CA LEU B 40 17.07 -28.84 -19.75
C LEU B 40 17.53 -29.70 -18.57
N SER B 41 16.62 -30.44 -17.94
CA SER B 41 16.98 -31.24 -16.74
C SER B 41 18.16 -32.17 -17.05
N GLN B 42 18.05 -33.01 -18.08
CA GLN B 42 19.12 -34.00 -18.36
C GLN B 42 20.41 -33.29 -18.80
N ILE B 43 20.36 -31.98 -19.01
CA ILE B 43 21.57 -31.21 -19.42
C ILE B 43 22.04 -30.37 -18.23
N THR B 44 21.24 -30.28 -17.17
CA THR B 44 21.61 -29.38 -16.04
C THR B 44 21.81 -30.16 -14.74
N ASN B 45 21.48 -31.45 -14.72
CA ASN B 45 21.56 -32.24 -13.50
C ASN B 45 22.99 -32.42 -13.02
N ASN B 46 23.98 -32.21 -13.88
CA ASN B 46 25.38 -32.36 -13.52
C ASN B 46 26.02 -31.07 -13.01
N ILE B 47 25.25 -30.00 -12.89
CA ILE B 47 25.78 -28.74 -12.39
C ILE B 47 25.42 -28.60 -10.92
N ASP B 48 26.20 -27.80 -10.21
CA ASP B 48 26.00 -27.62 -8.78
C ASP B 48 24.73 -26.83 -8.52
N PRO B 49 23.94 -27.20 -7.52
CA PRO B 49 22.72 -26.44 -7.20
C PRO B 49 23.05 -25.13 -6.49
N VAL B 50 22.07 -24.23 -6.52
CA VAL B 50 22.26 -22.92 -5.89
C VAL B 50 22.37 -23.06 -4.38
N GLY B 51 21.64 -24.00 -3.79
CA GLY B 51 21.66 -24.20 -2.36
C GLY B 51 20.38 -23.72 -1.70
N ARG B 52 20.49 -22.74 -0.82
CA ARG B 52 19.34 -22.15 -0.13
C ARG B 52 19.48 -20.65 -0.16
N ILE B 53 18.57 -19.98 -0.88
CA ILE B 53 18.59 -18.52 -1.01
C ILE B 53 17.69 -17.96 0.10
N GLN B 54 18.31 -17.37 1.11
CA GLN B 54 17.59 -16.74 2.21
C GLN B 54 17.65 -15.22 2.05
N MET B 55 16.49 -14.59 2.04
CA MET B 55 16.37 -13.16 1.81
C MET B 55 15.62 -12.54 2.97
N ARG B 56 16.14 -11.41 3.46
CA ARG B 56 15.52 -10.70 4.57
C ARG B 56 14.81 -9.46 4.06
N THR B 57 13.78 -9.03 4.78
CA THR B 57 13.08 -7.81 4.42
C THR B 57 13.99 -6.63 4.74
N ARG B 58 14.78 -6.22 3.76
CA ARG B 58 15.78 -5.18 4.00
C ARG B 58 15.17 -3.81 4.17
N ARG B 59 14.01 -3.56 3.56
CA ARG B 59 13.30 -2.26 3.73
C ARG B 59 11.80 -2.45 3.48
N THR B 60 10.95 -1.85 4.30
CA THR B 60 9.52 -1.87 4.10
C THR B 60 9.05 -0.47 3.76
N LEU B 61 8.42 -0.32 2.60
CA LEU B 61 7.90 0.96 2.14
C LEU B 61 6.40 0.99 2.39
N ARG B 62 5.95 1.94 3.21
CA ARG B 62 4.55 2.04 3.60
C ARG B 62 4.05 3.46 3.36
N GLY B 63 2.73 3.57 3.20
CA GLY B 63 2.10 4.84 2.89
C GLY B 63 0.91 4.67 1.98
N HIS B 64 0.86 3.53 1.29
CA HIS B 64 -0.33 3.19 0.51
C HIS B 64 -1.46 2.79 1.44
N LEU B 65 -2.69 3.10 1.01
CA LEU B 65 -3.88 2.82 1.81
C LEU B 65 -4.81 1.81 1.14
N ALA B 66 -4.31 1.08 0.15
CA ALA B 66 -5.12 0.09 -0.57
C ALA B 66 -4.18 -0.93 -1.20
N LYS B 67 -4.76 -1.88 -1.91
CA LYS B 67 -3.99 -2.96 -2.50
C LYS B 67 -3.05 -2.43 -3.58
N ILE B 68 -1.76 -2.75 -3.46
CA ILE B 68 -0.79 -2.41 -4.48
C ILE B 68 -0.96 -3.36 -5.66
N TYR B 69 -1.03 -2.81 -6.86
CA TYR B 69 -1.28 -3.63 -8.04
C TYR B 69 -0.11 -3.71 -9.01
N ALA B 70 0.87 -2.81 -8.92
CA ALA B 70 2.00 -2.88 -9.82
C ALA B 70 3.18 -2.13 -9.22
N MET B 71 4.36 -2.44 -9.72
CA MET B 71 5.59 -1.74 -9.36
C MET B 71 6.57 -1.87 -10.50
N HIS B 72 7.53 -0.95 -10.55
CA HIS B 72 8.52 -0.95 -11.62
C HIS B 72 9.75 -0.21 -11.14
N TRP B 73 10.89 -0.90 -11.11
CA TRP B 73 12.14 -0.27 -10.75
C TRP B 73 12.60 0.69 -11.85
N GLY B 74 13.19 1.81 -11.43
CA GLY B 74 13.80 2.70 -12.38
C GLY B 74 15.11 2.16 -12.90
N THR B 75 15.64 2.81 -13.94
CA THR B 75 16.90 2.37 -14.53
C THR B 75 18.08 2.57 -13.59
N ASP B 76 17.96 3.48 -12.61
CA ASP B 76 19.04 3.72 -11.66
C ASP B 76 19.05 2.72 -10.52
N SER B 77 18.09 1.79 -10.49
CA SER B 77 17.98 0.76 -9.45
C SER B 77 17.78 1.36 -8.06
N ARG B 78 17.29 2.59 -7.99
CA ARG B 78 17.04 3.26 -6.71
C ARG B 78 15.61 3.77 -6.57
N LEU B 79 15.02 4.28 -7.64
CA LEU B 79 13.66 4.79 -7.62
C LEU B 79 12.72 3.76 -8.21
N LEU B 80 11.60 3.52 -7.53
CA LEU B 80 10.55 2.65 -8.04
C LEU B 80 9.21 3.35 -7.92
N VAL B 81 8.29 2.98 -8.81
CA VAL B 81 6.96 3.57 -8.86
C VAL B 81 5.94 2.47 -8.54
N SER B 82 5.08 2.74 -7.56
CA SER B 82 4.07 1.79 -7.12
C SER B 82 2.69 2.38 -7.33
N ALA B 83 1.79 1.59 -7.88
CA ALA B 83 0.42 2.01 -8.14
C ALA B 83 -0.53 1.14 -7.32
N SER B 84 -1.56 1.78 -6.75
CA SER B 84 -2.51 1.08 -5.89
C SER B 84 -3.91 1.63 -6.15
N GLN B 85 -4.91 0.85 -5.73
CA GLN B 85 -6.30 1.26 -5.85
C GLN B 85 -6.65 2.43 -4.95
N ASP B 86 -5.70 2.89 -4.13
CA ASP B 86 -5.88 4.12 -3.37
C ASP B 86 -6.16 5.30 -4.30
N GLY B 87 -5.62 5.26 -5.51
CA GLY B 87 -5.69 6.37 -6.44
C GLY B 87 -4.41 7.17 -6.54
N LYS B 88 -3.35 6.73 -5.87
CA LYS B 88 -2.06 7.40 -5.89
C LYS B 88 -1.04 6.54 -6.60
N LEU B 89 -0.03 7.20 -7.16
CA LEU B 89 1.07 6.54 -7.87
C LEU B 89 2.36 7.12 -7.31
N ILE B 90 2.87 6.50 -6.26
CA ILE B 90 4.01 7.05 -5.52
C ILE B 90 5.31 6.69 -6.24
N ILE B 91 6.27 7.60 -6.16
CA ILE B 91 7.61 7.37 -6.69
C ILE B 91 8.57 7.22 -5.52
N TRP B 92 8.79 5.98 -5.08
CA TRP B 92 9.60 5.74 -3.90
C TRP B 92 11.08 5.95 -4.18
N ASP B 93 11.80 6.39 -3.16
CA ASP B 93 13.26 6.33 -3.13
C ASP B 93 13.62 5.14 -2.26
N SER B 94 13.93 4.02 -2.91
CA SER B 94 14.06 2.75 -2.18
C SER B 94 15.21 2.76 -1.18
N TYR B 95 16.26 3.53 -1.46
CA TYR B 95 17.42 3.53 -0.57
C TYR B 95 17.07 4.07 0.81
N THR B 96 16.27 5.14 0.86
CA THR B 96 15.95 5.81 2.12
C THR B 96 14.47 5.76 2.45
N THR B 97 13.67 5.02 1.70
CA THR B 97 12.22 4.92 1.92
C THR B 97 11.56 6.29 1.94
N ASN B 98 11.96 7.15 1.02
CA ASN B 98 11.41 8.49 0.88
C ASN B 98 10.51 8.55 -0.34
N LYS B 99 9.35 9.21 -0.19
CA LYS B 99 8.42 9.38 -1.29
C LYS B 99 8.79 10.63 -2.05
N VAL B 100 9.44 10.46 -3.20
CA VAL B 100 9.84 11.59 -4.01
C VAL B 100 8.61 12.31 -4.56
N HIS B 101 7.64 11.56 -5.07
CA HIS B 101 6.43 12.13 -5.63
C HIS B 101 5.24 11.28 -5.19
N ALA B 102 4.06 11.90 -5.19
CA ALA B 102 2.80 11.20 -4.95
C ALA B 102 1.79 11.75 -5.95
N ILE B 103 1.59 11.02 -7.05
CA ILE B 103 0.77 11.48 -8.16
C ILE B 103 -0.67 11.02 -7.92
N PRO B 104 -1.64 11.94 -7.82
CA PRO B 104 -3.04 11.54 -7.67
C PRO B 104 -3.65 11.16 -9.01
N LEU B 105 -3.92 9.87 -9.17
CA LEU B 105 -4.43 9.36 -10.44
C LEU B 105 -5.84 9.85 -10.70
N ARG B 106 -6.16 10.06 -11.98
CA ARG B 106 -7.51 10.47 -12.36
C ARG B 106 -8.53 9.38 -12.03
N SER B 107 -8.17 8.12 -12.29
CA SER B 107 -9.02 6.98 -11.98
C SER B 107 -8.34 6.13 -10.92
N SER B 108 -9.07 5.77 -9.88
CA SER B 108 -8.53 5.01 -8.76
C SER B 108 -8.58 3.51 -8.98
N TRP B 109 -8.65 3.06 -10.23
CA TRP B 109 -8.71 1.63 -10.53
C TRP B 109 -7.51 1.22 -11.38
N VAL B 110 -6.32 1.68 -10.98
CA VAL B 110 -5.11 1.39 -11.75
C VAL B 110 -4.72 -0.07 -11.57
N MET B 111 -4.34 -0.71 -12.68
CA MET B 111 -3.91 -2.11 -12.66
C MET B 111 -2.47 -2.30 -13.09
N THR B 112 -1.80 -1.25 -13.56
CA THR B 112 -0.40 -1.39 -13.99
C THR B 112 0.27 -0.03 -13.92
N CYS B 113 1.60 -0.07 -13.84
CA CYS B 113 2.40 1.15 -13.82
C CYS B 113 3.75 0.84 -14.47
N ALA B 114 4.42 1.91 -14.92
CA ALA B 114 5.68 1.75 -15.62
C ALA B 114 6.56 2.97 -15.37
N TYR B 115 7.86 2.74 -15.36
CA TYR B 115 8.87 3.79 -15.26
C TYR B 115 9.67 3.81 -16.55
N ALA B 116 9.71 4.97 -17.21
CA ALA B 116 10.43 5.08 -18.46
C ALA B 116 11.93 4.86 -18.23
N PRO B 117 12.67 4.24 -19.18
CA PRO B 117 14.12 4.09 -19.02
C PRO B 117 14.75 5.45 -18.70
N SER B 118 14.23 6.52 -19.30
CA SER B 118 14.81 7.87 -19.09
C SER B 118 14.70 8.28 -17.63
N GLY B 119 13.61 7.91 -16.96
CA GLY B 119 13.37 8.36 -15.58
C GLY B 119 12.57 9.63 -15.60
N ASN B 120 12.34 10.18 -16.80
CA ASN B 120 11.62 11.47 -16.93
C ASN B 120 10.13 11.23 -16.81
N TYR B 121 9.63 10.10 -17.31
CA TYR B 121 8.17 9.88 -17.31
C TYR B 121 7.73 8.58 -16.66
N VAL B 122 6.47 8.51 -16.26
CA VAL B 122 5.85 7.31 -15.73
C VAL B 122 4.48 7.16 -16.38
N ALA B 123 3.97 5.93 -16.37
CA ALA B 123 2.68 5.62 -16.99
C ALA B 123 1.83 4.81 -16.02
N CYS B 124 0.51 4.99 -16.15
CA CYS B 124 -0.45 4.22 -15.37
C CYS B 124 -1.61 3.83 -16.26
N GLY B 125 -2.26 2.72 -15.91
CA GLY B 125 -3.40 2.26 -16.67
C GLY B 125 -4.25 1.33 -15.82
N GLY B 126 -5.54 1.29 -16.15
CA GLY B 126 -6.46 0.47 -15.39
C GLY B 126 -7.78 0.20 -16.09
N LEU B 127 -8.87 0.24 -15.34
CA LEU B 127 -10.18 -0.05 -15.90
C LEU B 127 -10.73 1.10 -16.75
N ASP B 128 -10.05 2.25 -16.77
CA ASP B 128 -10.48 3.36 -17.61
C ASP B 128 -10.06 3.21 -19.06
N ASN B 129 -9.29 2.17 -19.39
CA ASN B 129 -8.84 1.88 -20.75
C ASN B 129 -8.01 3.02 -21.32
N ILE B 130 -7.32 3.78 -20.46
CA ILE B 130 -6.51 4.91 -20.88
C ILE B 130 -5.16 4.81 -20.19
N CYS B 131 -4.09 4.99 -20.96
CA CYS B 131 -2.73 5.05 -20.43
C CYS B 131 -2.34 6.52 -20.27
N SER B 132 -2.06 6.92 -19.03
CA SER B 132 -1.73 8.30 -18.72
C SER B 132 -0.22 8.42 -18.49
N ILE B 133 0.42 9.30 -19.25
CA ILE B 133 1.85 9.54 -19.14
C ILE B 133 2.06 10.81 -18.34
N TYR B 134 2.85 10.71 -17.27
CA TYR B 134 3.10 11.82 -16.35
C TYR B 134 4.53 12.31 -16.52
N ASN B 135 4.70 13.62 -16.65
CA ASN B 135 6.01 14.23 -16.79
C ASN B 135 6.54 14.57 -15.40
N LEU B 136 7.38 13.68 -14.87
CA LEU B 136 7.89 13.88 -13.49
C LEU B 136 8.77 15.12 -13.47
N LYS B 137 9.70 15.22 -14.41
CA LYS B 137 10.66 16.36 -14.43
C LYS B 137 10.06 17.52 -15.20
N THR B 138 9.20 18.31 -14.54
CA THR B 138 8.63 19.55 -15.15
C THR B 138 9.23 20.78 -14.45
N ARG B 139 9.27 21.94 -15.13
CA ARG B 139 9.87 23.17 -14.55
C ARG B 139 9.03 23.70 -13.38
N GLU B 140 7.70 23.61 -13.47
CA GLU B 140 6.81 24.18 -12.42
C GLU B 140 6.99 23.41 -11.11
N GLY B 141 7.61 22.24 -11.15
CA GLY B 141 7.90 21.50 -9.90
C GLY B 141 6.77 20.56 -9.52
N ASN B 142 5.74 20.45 -10.36
CA ASN B 142 4.63 19.50 -10.09
C ASN B 142 4.58 18.47 -11.22
N VAL B 143 4.35 17.20 -10.88
CA VAL B 143 4.19 16.16 -11.93
C VAL B 143 2.79 16.28 -12.52
N ARG B 144 2.69 16.56 -13.82
CA ARG B 144 1.39 16.67 -14.47
C ARG B 144 1.31 15.68 -15.62
N VAL B 145 0.08 15.24 -15.91
CA VAL B 145 -0.14 14.32 -17.01
C VAL B 145 0.17 15.00 -18.34
N SER B 146 0.99 14.36 -19.16
CA SER B 146 1.41 14.92 -20.43
C SER B 146 0.63 14.39 -21.61
N ARG B 147 0.14 13.15 -21.54
CA ARG B 147 -0.63 12.58 -22.63
C ARG B 147 -1.49 11.44 -22.09
N GLU B 148 -2.72 11.38 -22.56
CA GLU B 148 -3.64 10.30 -22.25
C GLU B 148 -3.90 9.50 -23.52
N LEU B 149 -3.49 8.24 -23.52
CA LEU B 149 -3.57 7.39 -24.72
C LEU B 149 -4.88 6.62 -24.69
N ALA B 150 -5.87 7.14 -25.41
CA ALA B 150 -7.17 6.50 -25.55
C ALA B 150 -7.27 5.80 -26.89
N GLY B 151 -8.07 4.74 -26.94
CA GLY B 151 -8.22 3.95 -28.16
C GLY B 151 -8.33 2.47 -27.88
N HIS B 152 -8.25 2.09 -26.61
CA HIS B 152 -8.37 0.70 -26.19
C HIS B 152 -9.79 0.42 -25.72
N THR B 153 -10.35 -0.69 -26.17
CA THR B 153 -11.71 -1.11 -25.81
C THR B 153 -11.72 -2.08 -24.65
N GLY B 154 -10.71 -2.02 -23.78
CA GLY B 154 -10.64 -2.92 -22.64
C GLY B 154 -9.69 -2.39 -21.60
N TYR B 155 -9.78 -2.98 -20.41
CA TYR B 155 -8.93 -2.55 -19.30
C TYR B 155 -7.47 -2.79 -19.62
N LEU B 156 -6.62 -1.86 -19.18
CA LEU B 156 -5.18 -1.98 -19.40
C LEU B 156 -4.57 -2.87 -18.32
N SER B 157 -3.73 -3.82 -18.75
CA SER B 157 -3.09 -4.75 -17.83
C SER B 157 -1.59 -4.54 -17.71
N CYS B 158 -0.94 -4.01 -18.74
CA CYS B 158 0.50 -3.79 -18.68
C CYS B 158 0.88 -2.72 -19.68
N CYS B 159 1.94 -1.97 -19.35
CA CYS B 159 2.46 -0.94 -20.24
C CYS B 159 3.96 -0.82 -20.01
N ARG B 160 4.71 -0.61 -21.08
CA ARG B 160 6.16 -0.52 -21.02
C ARG B 160 6.65 0.50 -22.04
N PHE B 161 7.47 1.44 -21.58
CA PHE B 161 8.08 2.42 -22.48
C PHE B 161 9.13 1.73 -23.35
N LEU B 162 9.25 2.17 -24.61
CA LEU B 162 10.29 1.62 -25.46
C LEU B 162 11.64 2.29 -25.19
N ASP B 163 11.76 3.58 -25.54
CA ASP B 163 12.88 4.38 -25.04
C ASP B 163 12.40 5.61 -24.27
N ASP B 164 11.72 6.55 -24.93
CA ASP B 164 11.10 7.68 -24.26
C ASP B 164 9.77 8.11 -24.85
N ASN B 165 9.43 7.71 -26.07
CA ASN B 165 8.26 8.22 -26.76
C ASN B 165 7.34 7.14 -27.29
N GLN B 166 7.77 5.88 -27.31
CA GLN B 166 6.92 4.76 -27.70
C GLN B 166 6.66 3.91 -26.47
N ILE B 167 5.40 3.61 -26.22
CA ILE B 167 5.00 2.78 -25.10
C ILE B 167 4.07 1.69 -25.62
N VAL B 168 4.39 0.44 -25.30
CA VAL B 168 3.59 -0.70 -25.71
C VAL B 168 2.67 -1.09 -24.57
N THR B 169 1.37 -1.14 -24.84
CA THR B 169 0.36 -1.41 -23.83
C THR B 169 -0.45 -2.63 -24.24
N SER B 170 -0.76 -3.47 -23.25
CA SER B 170 -1.60 -4.65 -23.46
C SER B 170 -2.91 -4.46 -22.71
N SER B 171 -4.02 -4.59 -23.43
CA SER B 171 -5.34 -4.35 -22.88
C SER B 171 -6.12 -5.66 -22.78
N GLY B 172 -7.30 -5.57 -22.18
CA GLY B 172 -8.19 -6.69 -22.06
C GLY B 172 -9.03 -7.00 -23.28
N ASP B 173 -8.87 -6.23 -24.36
CA ASP B 173 -9.58 -6.47 -25.60
C ASP B 173 -8.82 -7.41 -26.53
N THR B 174 -7.97 -8.27 -25.98
CA THR B 174 -7.20 -9.26 -26.72
C THR B 174 -6.24 -8.61 -27.73
N THR B 175 -5.84 -7.37 -27.50
CA THR B 175 -4.95 -6.67 -28.41
C THR B 175 -3.86 -5.95 -27.62
N CYS B 176 -2.67 -5.89 -28.19
CA CYS B 176 -1.58 -5.08 -27.69
C CYS B 176 -1.23 -4.03 -28.73
N ALA B 177 -0.93 -2.82 -28.29
CA ALA B 177 -0.71 -1.70 -29.19
C ALA B 177 0.57 -0.97 -28.85
N LEU B 178 1.25 -0.49 -29.89
CA LEU B 178 2.41 0.37 -29.74
C LEU B 178 1.98 1.81 -29.97
N TRP B 179 2.26 2.67 -28.99
CA TRP B 179 1.76 4.03 -29.00
C TRP B 179 2.85 5.02 -29.38
N ASP B 180 2.42 6.21 -29.78
CA ASP B 180 3.30 7.35 -30.02
C ASP B 180 2.85 8.47 -29.09
N ILE B 181 3.65 8.74 -28.06
CA ILE B 181 3.25 9.67 -27.02
C ILE B 181 3.05 11.08 -27.59
N GLU B 182 3.94 11.50 -28.49
CA GLU B 182 3.83 12.84 -29.05
C GLU B 182 2.53 13.01 -29.83
N THR B 183 2.15 12.02 -30.62
CA THR B 183 0.94 12.12 -31.44
C THR B 183 -0.29 11.56 -30.74
N GLY B 184 -0.12 10.59 -29.85
CA GLY B 184 -1.24 9.98 -29.17
C GLY B 184 -1.98 8.93 -29.96
N GLN B 185 -1.47 8.52 -31.11
CA GLN B 185 -2.12 7.55 -31.97
C GLN B 185 -1.35 6.24 -31.97
N GLN B 186 -2.09 5.14 -32.09
CA GLN B 186 -1.49 3.81 -32.13
C GLN B 186 -0.67 3.65 -33.39
N THR B 187 0.66 3.64 -33.25
CA THR B 187 1.52 3.40 -34.41
C THR B 187 1.29 2.01 -34.98
N THR B 188 1.19 1.00 -34.11
CA THR B 188 0.95 -0.37 -34.53
C THR B 188 0.07 -1.07 -33.50
N THR B 189 -0.83 -1.91 -33.97
CA THR B 189 -1.69 -2.72 -33.10
C THR B 189 -1.46 -4.18 -33.40
N PHE B 190 -1.36 -4.99 -32.34
CA PHE B 190 -1.07 -6.41 -32.44
C PHE B 190 -2.31 -7.21 -32.10
N THR B 191 -2.68 -8.13 -32.99
CA THR B 191 -3.86 -8.96 -32.82
C THR B 191 -3.50 -10.42 -33.01
N GLY B 192 -4.33 -11.29 -32.46
CA GLY B 192 -4.09 -12.72 -32.54
C GLY B 192 -4.48 -13.47 -31.29
N HIS B 193 -4.47 -12.78 -30.15
CA HIS B 193 -4.88 -13.40 -28.90
C HIS B 193 -6.40 -13.59 -28.88
N THR B 194 -6.85 -14.71 -28.33
CA THR B 194 -8.26 -15.02 -28.21
C THR B 194 -8.80 -14.75 -26.81
N GLY B 195 -7.98 -14.14 -25.93
CA GLY B 195 -8.40 -13.85 -24.58
C GLY B 195 -7.70 -12.60 -24.09
N ASP B 196 -8.07 -12.19 -22.88
CA ASP B 196 -7.50 -10.97 -22.30
C ASP B 196 -6.00 -11.13 -22.10
N VAL B 197 -5.25 -10.10 -22.51
CA VAL B 197 -3.81 -10.07 -22.31
C VAL B 197 -3.52 -9.49 -20.93
N MET B 198 -2.82 -10.25 -20.10
CA MET B 198 -2.61 -9.86 -18.71
C MET B 198 -1.25 -9.24 -18.43
N SER B 199 -0.24 -9.54 -19.25
CA SER B 199 1.09 -8.99 -19.01
C SER B 199 1.89 -9.02 -20.30
N LEU B 200 2.92 -8.17 -20.34
CA LEU B 200 3.88 -8.16 -21.45
C LEU B 200 5.26 -7.88 -20.88
N SER B 201 6.28 -8.30 -21.62
CA SER B 201 7.67 -8.13 -21.20
C SER B 201 8.50 -7.76 -22.41
N LEU B 202 9.08 -6.56 -22.38
CA LEU B 202 9.94 -6.12 -23.48
C LEU B 202 11.28 -6.81 -23.42
N ALA B 203 11.83 -7.12 -24.60
CA ALA B 203 13.15 -7.70 -24.69
C ALA B 203 14.22 -6.66 -24.33
N PRO B 204 15.39 -7.10 -23.88
CA PRO B 204 16.45 -6.13 -23.55
C PRO B 204 16.86 -5.26 -24.73
N ASP B 205 16.78 -5.78 -25.95
CA ASP B 205 17.10 -4.99 -27.13
C ASP B 205 15.96 -4.10 -27.60
N THR B 206 14.80 -4.17 -26.94
CA THR B 206 13.61 -3.40 -27.31
C THR B 206 13.27 -3.56 -28.80
N ARG B 207 13.41 -4.79 -29.29
CA ARG B 207 13.04 -5.13 -30.65
C ARG B 207 11.92 -6.14 -30.74
N LEU B 208 11.80 -7.03 -29.75
CA LEU B 208 10.72 -7.99 -29.66
C LEU B 208 10.06 -7.84 -28.30
N PHE B 209 8.79 -8.25 -28.21
CA PHE B 209 8.11 -8.22 -26.93
C PHE B 209 7.05 -9.31 -26.91
N VAL B 210 6.92 -9.96 -25.76
CA VAL B 210 6.01 -11.07 -25.59
C VAL B 210 4.79 -10.59 -24.80
N SER B 211 3.75 -11.42 -24.77
CA SER B 211 2.52 -11.08 -24.06
C SER B 211 1.85 -12.36 -23.59
N GLY B 212 1.45 -12.38 -22.32
CA GLY B 212 0.74 -13.50 -21.76
C GLY B 212 -0.74 -13.22 -21.71
N ALA B 213 -1.52 -14.12 -22.31
CA ALA B 213 -2.96 -13.93 -22.44
C ALA B 213 -3.72 -14.99 -21.63
N CYS B 214 -5.01 -14.72 -21.45
CA CYS B 214 -5.88 -15.64 -20.72
C CYS B 214 -6.21 -16.91 -21.51
N ASP B 215 -5.84 -16.97 -22.79
CA ASP B 215 -6.09 -18.15 -23.60
C ASP B 215 -5.05 -19.25 -23.37
N ALA B 216 -4.32 -19.19 -22.25
CA ALA B 216 -3.30 -20.17 -21.90
C ALA B 216 -2.22 -20.28 -23.00
N SER B 217 -1.83 -19.12 -23.52
CA SER B 217 -0.81 -19.08 -24.56
C SER B 217 -0.06 -17.76 -24.47
N ALA B 218 1.15 -17.75 -25.04
CA ALA B 218 1.99 -16.57 -25.09
C ALA B 218 2.48 -16.38 -26.52
N LYS B 219 2.52 -15.13 -26.97
CA LYS B 219 2.89 -14.79 -28.33
C LYS B 219 4.08 -13.85 -28.33
N LEU B 220 5.01 -14.08 -29.25
CA LEU B 220 6.20 -13.25 -29.42
C LEU B 220 5.96 -12.31 -30.60
N TRP B 221 5.95 -11.01 -30.33
CA TRP B 221 5.65 -10.01 -31.34
C TRP B 221 6.92 -9.29 -31.78
N ASP B 222 6.78 -8.54 -32.87
CA ASP B 222 7.83 -7.67 -33.38
C ASP B 222 7.28 -6.26 -33.47
N VAL B 223 7.98 -5.31 -32.84
CA VAL B 223 7.48 -3.94 -32.78
C VAL B 223 7.51 -3.29 -34.15
N ARG B 224 8.57 -3.54 -34.93
CA ARG B 224 8.69 -2.91 -36.24
C ARG B 224 7.89 -3.65 -37.30
N GLU B 225 7.94 -4.98 -37.29
CA GLU B 225 7.19 -5.75 -38.28
C GLU B 225 5.69 -5.59 -38.09
N GLY B 226 5.23 -5.53 -36.85
CA GLY B 226 3.83 -5.33 -36.55
C GLY B 226 3.00 -6.59 -36.44
N MET B 227 3.60 -7.77 -36.61
CA MET B 227 2.88 -9.03 -36.53
C MET B 227 3.64 -10.01 -35.66
N CYS B 228 2.93 -11.01 -35.16
CA CYS B 228 3.51 -11.99 -34.27
C CYS B 228 4.55 -12.83 -35.01
N ARG B 229 5.47 -13.42 -34.24
CA ARG B 229 6.47 -14.32 -34.88
C ARG B 229 6.23 -15.74 -34.37
N GLN B 230 6.12 -15.94 -33.06
CA GLN B 230 5.93 -17.28 -32.54
C GLN B 230 4.82 -17.29 -31.51
N THR B 231 4.17 -18.44 -31.37
CA THR B 231 3.19 -18.66 -30.32
C THR B 231 3.61 -19.87 -29.49
N PHE B 232 3.26 -19.84 -28.21
CA PHE B 232 3.69 -20.86 -27.26
C PHE B 232 2.50 -21.32 -26.44
N THR B 233 2.33 -22.63 -26.33
CA THR B 233 1.26 -23.23 -25.56
C THR B 233 1.83 -24.25 -24.58
N GLY B 234 1.01 -24.65 -23.62
CA GLY B 234 1.44 -25.60 -22.61
C GLY B 234 0.85 -25.32 -21.24
N HIS B 235 0.34 -24.12 -21.05
CA HIS B 235 -0.29 -23.75 -19.79
C HIS B 235 -1.73 -24.25 -19.76
N GLU B 236 -2.17 -24.66 -18.58
CA GLU B 236 -3.52 -25.18 -18.39
C GLU B 236 -4.53 -24.12 -17.97
N SER B 237 -4.09 -22.87 -17.78
CA SER B 237 -4.97 -21.80 -17.34
C SER B 237 -4.40 -20.47 -17.82
N ASP B 238 -4.96 -19.38 -17.30
CA ASP B 238 -4.55 -18.05 -17.72
C ASP B 238 -3.12 -17.75 -17.31
N ILE B 239 -2.45 -16.91 -18.09
CA ILE B 239 -1.10 -16.46 -17.81
C ILE B 239 -1.21 -15.10 -17.14
N ASN B 240 -1.05 -15.06 -15.82
CA ASN B 240 -1.21 -13.81 -15.08
C ASN B 240 -0.03 -12.87 -15.26
N ALA B 241 1.19 -13.40 -15.36
CA ALA B 241 2.37 -12.56 -15.51
C ALA B 241 3.38 -13.26 -16.40
N ILE B 242 4.18 -12.46 -17.09
CA ILE B 242 5.23 -12.96 -17.97
C ILE B 242 6.48 -12.11 -17.77
N CYS B 243 7.61 -12.68 -18.13
CA CYS B 243 8.90 -12.02 -17.97
C CYS B 243 9.76 -12.34 -19.18
N PHE B 244 11.06 -12.06 -19.07
CA PHE B 244 11.99 -12.29 -20.16
C PHE B 244 13.34 -12.69 -19.59
N PHE B 245 13.98 -13.67 -20.22
CA PHE B 245 15.32 -14.06 -19.81
C PHE B 245 16.29 -12.91 -20.09
N PRO B 246 17.27 -12.68 -19.22
CA PRO B 246 18.20 -11.55 -19.46
C PRO B 246 18.95 -11.64 -20.77
N ASN B 247 19.26 -12.86 -21.25
CA ASN B 247 19.97 -12.99 -22.52
C ASN B 247 19.10 -12.61 -23.71
N GLY B 248 17.78 -12.57 -23.54
CA GLY B 248 16.87 -12.23 -24.60
C GLY B 248 16.46 -13.38 -25.51
N ASN B 249 16.94 -14.60 -25.25
CA ASN B 249 16.60 -15.75 -26.08
C ASN B 249 15.59 -16.68 -25.42
N ALA B 250 15.00 -16.26 -24.31
CA ALA B 250 14.04 -17.09 -23.60
C ALA B 250 13.15 -16.20 -22.76
N PHE B 251 12.09 -16.78 -22.20
CA PHE B 251 11.20 -16.06 -21.31
C PHE B 251 10.45 -17.05 -20.43
N ALA B 252 9.92 -16.55 -19.33
CA ALA B 252 9.20 -17.35 -18.36
C ALA B 252 7.78 -16.82 -18.20
N THR B 253 6.85 -17.73 -17.93
CA THR B 253 5.44 -17.41 -17.82
C THR B 253 4.90 -17.82 -16.45
N GLY B 254 4.08 -16.95 -15.87
CA GLY B 254 3.40 -17.27 -14.63
C GLY B 254 1.93 -17.48 -14.85
N SER B 255 1.44 -18.69 -14.58
CA SER B 255 0.06 -19.06 -14.87
C SER B 255 -0.74 -19.20 -13.58
N ASP B 256 -2.06 -19.33 -13.75
CA ASP B 256 -2.97 -19.55 -12.65
C ASP B 256 -3.08 -21.02 -12.27
N ASP B 257 -2.42 -21.88 -13.05
CA ASP B 257 -2.46 -23.35 -12.80
C ASP B 257 -1.36 -23.72 -11.81
N ALA B 258 -0.78 -22.74 -11.13
CA ALA B 258 0.24 -23.00 -10.08
C ALA B 258 1.53 -23.56 -10.70
N THR B 259 1.73 -23.39 -12.00
CA THR B 259 3.01 -23.85 -12.58
C THR B 259 3.68 -22.74 -13.38
N CYS B 260 4.95 -22.45 -13.07
CA CYS B 260 5.70 -21.48 -13.92
C CYS B 260 6.28 -22.30 -15.07
N ARG B 261 6.49 -21.67 -16.22
CA ARG B 261 7.02 -22.35 -17.39
C ARG B 261 8.04 -21.47 -18.07
N LEU B 262 9.17 -22.05 -18.45
CA LEU B 262 10.22 -21.33 -19.15
C LEU B 262 10.23 -21.76 -20.61
N PHE B 263 10.00 -20.82 -21.51
CA PHE B 263 9.99 -21.07 -22.94
C PHE B 263 11.25 -20.52 -23.59
N ASP B 264 11.45 -20.90 -24.85
CA ASP B 264 12.61 -20.48 -25.62
C ASP B 264 12.16 -19.86 -26.93
N LEU B 265 12.92 -18.86 -27.39
CA LEU B 265 12.60 -18.18 -28.64
C LEU B 265 13.12 -18.93 -29.87
N ARG B 266 13.96 -19.94 -29.68
CA ARG B 266 14.57 -20.68 -30.79
C ARG B 266 14.04 -22.10 -30.91
N ALA B 267 14.06 -22.88 -29.83
CA ALA B 267 13.52 -24.23 -29.88
C ALA B 267 11.99 -24.23 -29.99
N ASP B 268 11.34 -23.11 -29.69
CA ASP B 268 9.90 -22.94 -29.87
C ASP B 268 9.10 -23.96 -29.07
N GLN B 269 9.52 -24.20 -27.83
CA GLN B 269 8.80 -25.09 -26.94
C GLN B 269 9.20 -24.79 -25.50
N GLU B 270 8.41 -25.29 -24.56
CA GLU B 270 8.72 -25.13 -23.16
C GLU B 270 9.98 -25.91 -22.81
N LEU B 271 10.66 -25.47 -21.76
CA LEU B 271 11.91 -26.09 -21.33
C LEU B 271 11.78 -26.83 -20.00
N MET B 272 11.29 -26.17 -18.96
CA MET B 272 11.15 -26.80 -17.66
C MET B 272 9.96 -26.19 -16.94
N THR B 273 9.19 -27.04 -16.26
CA THR B 273 8.01 -26.63 -15.52
C THR B 273 8.34 -26.56 -14.04
N TYR B 274 8.08 -25.40 -13.42
CA TYR B 274 8.35 -25.18 -12.01
C TYR B 274 7.06 -25.43 -11.24
N SER B 275 6.91 -26.64 -10.70
CA SER B 275 5.69 -27.06 -10.03
C SER B 275 6.02 -27.71 -8.69
N HIS B 276 5.05 -27.66 -7.78
CA HIS B 276 5.17 -28.31 -6.48
C HIS B 276 3.77 -28.61 -5.96
N ASP B 277 3.60 -29.81 -5.41
CA ASP B 277 2.29 -30.20 -4.89
C ASP B 277 1.88 -29.40 -3.67
N ASN B 278 2.84 -28.82 -2.95
CA ASN B 278 2.51 -28.03 -1.78
C ASN B 278 1.74 -26.77 -2.17
N ILE B 279 2.10 -26.14 -3.28
CA ILE B 279 1.50 -24.90 -3.72
C ILE B 279 0.47 -25.21 -4.80
N ILE B 280 -0.75 -24.71 -4.60
CA ILE B 280 -1.83 -24.90 -5.56
C ILE B 280 -2.36 -23.60 -6.12
N CYS B 281 -2.04 -22.46 -5.51
CA CYS B 281 -2.48 -21.18 -6.02
C CYS B 281 -1.69 -20.79 -7.27
N GLY B 282 -2.22 -19.83 -8.01
CA GLY B 282 -1.59 -19.40 -9.24
C GLY B 282 -0.49 -18.38 -9.02
N ILE B 283 0.46 -18.36 -9.95
CA ILE B 283 1.53 -17.36 -9.91
C ILE B 283 0.96 -16.02 -10.34
N THR B 284 1.26 -14.98 -9.55
CA THR B 284 0.77 -13.63 -9.83
C THR B 284 1.81 -12.76 -10.54
N SER B 285 3.07 -12.86 -10.15
CA SER B 285 4.14 -12.09 -10.78
C SER B 285 5.36 -12.97 -10.95
N VAL B 286 6.07 -12.79 -12.08
CA VAL B 286 7.28 -13.53 -12.39
C VAL B 286 8.38 -12.52 -12.73
N SER B 287 9.53 -12.64 -12.07
CA SER B 287 10.66 -11.78 -12.33
C SER B 287 11.94 -12.59 -12.33
N PHE B 288 12.82 -12.31 -13.28
CA PHE B 288 14.09 -13.01 -13.40
C PHE B 288 15.18 -12.26 -12.65
N SER B 289 16.20 -13.01 -12.24
CA SER B 289 17.37 -12.40 -11.62
C SER B 289 18.32 -11.85 -12.68
N LYS B 290 19.36 -11.15 -12.22
CA LYS B 290 20.30 -10.52 -13.14
C LYS B 290 21.01 -11.56 -13.98
N SER B 291 21.46 -12.65 -13.37
CA SER B 291 22.16 -13.70 -14.09
C SER B 291 21.23 -14.73 -14.73
N GLY B 292 19.95 -14.70 -14.39
CA GLY B 292 19.00 -15.66 -14.93
C GLY B 292 18.99 -17.00 -14.23
N ARG B 293 19.84 -17.21 -13.23
CA ARG B 293 19.84 -18.48 -12.51
C ARG B 293 18.66 -18.59 -11.55
N LEU B 294 18.22 -17.48 -10.97
CA LEU B 294 17.12 -17.46 -10.04
C LEU B 294 15.87 -16.91 -10.72
N LEU B 295 14.74 -17.54 -10.44
CA LEU B 295 13.45 -17.14 -11.00
C LEU B 295 12.52 -16.76 -9.85
N LEU B 296 12.55 -15.49 -9.48
CA LEU B 296 11.60 -14.99 -8.49
C LEU B 296 10.18 -15.10 -9.04
N ALA B 297 9.24 -15.47 -8.17
CA ALA B 297 7.86 -15.66 -8.61
C ALA B 297 6.93 -15.47 -7.44
N GLY B 298 6.08 -14.44 -7.49
CA GLY B 298 5.10 -14.25 -6.45
C GLY B 298 3.95 -15.23 -6.59
N TYR B 299 3.25 -15.45 -5.47
CA TYR B 299 2.14 -16.39 -5.42
C TYR B 299 0.99 -15.77 -4.64
N ASP B 300 -0.19 -16.37 -4.81
CA ASP B 300 -1.40 -15.82 -4.14
C ASP B 300 -1.45 -16.35 -2.72
N ASP B 301 -0.42 -17.11 -2.31
CA ASP B 301 -0.41 -17.72 -0.95
C ASP B 301 0.25 -16.73 0.01
N PHE B 302 0.54 -15.52 -0.48
CA PHE B 302 1.16 -14.44 0.33
C PHE B 302 2.67 -14.66 0.37
N ASN B 303 3.19 -15.62 -0.39
CA ASN B 303 4.65 -15.95 -0.36
C ASN B 303 5.24 -15.88 -1.75
N CYS B 304 6.39 -15.25 -1.91
CA CYS B 304 7.06 -15.23 -3.22
C CYS B 304 8.07 -16.37 -3.22
N ASN B 305 7.82 -17.42 -3.99
CA ASN B 305 8.71 -18.61 -3.94
C ASN B 305 9.83 -18.45 -4.96
N VAL B 306 11.06 -18.45 -4.49
CA VAL B 306 12.22 -18.34 -5.38
C VAL B 306 12.47 -19.70 -6.03
N TRP B 307 12.59 -19.71 -7.34
CA TRP B 307 12.77 -20.93 -8.11
C TRP B 307 14.13 -20.92 -8.79
N ASP B 308 14.81 -22.07 -8.77
CA ASP B 308 16.04 -22.25 -9.53
C ASP B 308 15.69 -22.49 -10.99
N ALA B 309 16.11 -21.59 -11.87
CA ALA B 309 15.69 -21.65 -13.27
C ALA B 309 16.18 -22.92 -13.95
N LEU B 310 17.40 -23.35 -13.65
CA LEU B 310 17.99 -24.51 -14.30
C LEU B 310 17.74 -25.82 -13.57
N LYS B 311 17.06 -25.78 -12.42
CA LYS B 311 16.84 -26.98 -11.62
C LYS B 311 15.39 -27.21 -11.20
N ALA B 312 14.53 -26.19 -11.25
CA ALA B 312 13.16 -26.27 -10.73
C ALA B 312 13.13 -26.67 -9.26
N ASP B 313 14.15 -26.29 -8.51
CA ASP B 313 14.24 -26.59 -7.09
C ASP B 313 14.05 -25.31 -6.31
N ARG B 314 13.08 -25.32 -5.38
CA ARG B 314 12.79 -24.14 -4.58
C ARG B 314 13.99 -23.80 -3.70
N ALA B 315 14.71 -22.76 -4.10
CA ALA B 315 15.89 -22.35 -3.33
C ALA B 315 15.40 -21.67 -2.06
N GLY B 316 14.35 -20.86 -2.15
CA GLY B 316 13.92 -20.12 -0.95
C GLY B 316 12.51 -19.58 -1.05
N VAL B 317 11.93 -19.18 0.08
CA VAL B 317 10.60 -18.52 0.06
C VAL B 317 10.76 -17.16 0.70
N LEU B 318 10.42 -16.09 -0.01
CA LEU B 318 10.45 -14.74 0.59
C LEU B 318 9.17 -14.62 1.40
N ALA B 319 9.04 -15.20 2.56
CA ALA B 319 7.70 -15.27 3.19
C ALA B 319 7.10 -14.07 3.90
N GLY B 320 7.58 -12.89 3.75
CA GLY B 320 7.09 -11.77 4.59
C GLY B 320 5.66 -11.26 4.49
N HIS B 321 5.04 -11.22 3.32
CA HIS B 321 3.76 -10.49 3.12
C HIS B 321 2.53 -11.11 3.75
N ASP B 322 1.45 -10.34 3.86
CA ASP B 322 0.24 -10.79 4.57
C ASP B 322 -0.98 -10.95 3.65
N ASN B 323 -0.87 -10.71 2.34
CA ASN B 323 -1.99 -10.93 1.38
C ASN B 323 -1.27 -11.19 0.06
N ARG B 324 -1.95 -11.36 -1.02
CA ARG B 324 -1.31 -11.83 -2.27
C ARG B 324 -0.13 -10.96 -2.69
N VAL B 325 1.00 -11.59 -3.03
CA VAL B 325 2.15 -10.81 -3.60
C VAL B 325 1.66 -10.44 -4.98
N SER B 326 1.40 -9.16 -5.21
CA SER B 326 0.75 -8.70 -6.43
C SER B 326 1.71 -8.29 -7.52
N CYS B 327 2.85 -7.70 -7.17
CA CYS B 327 3.83 -7.29 -8.16
C CYS B 327 5.21 -7.69 -7.69
N LEU B 328 6.11 -7.87 -8.67
CA LEU B 328 7.49 -8.24 -8.36
C LEU B 328 8.44 -7.26 -9.05
N GLY B 329 9.73 -7.58 -9.03
CA GLY B 329 10.70 -6.74 -9.71
C GLY B 329 12.11 -6.91 -9.18
N VAL B 330 13.07 -6.94 -10.10
CA VAL B 330 14.49 -7.06 -9.75
C VAL B 330 15.21 -5.84 -10.31
N THR B 331 16.07 -5.25 -9.50
CA THR B 331 16.80 -4.05 -9.89
C THR B 331 17.62 -4.32 -11.15
N ASP B 332 17.97 -3.23 -11.84
CA ASP B 332 18.77 -3.36 -13.06
C ASP B 332 20.14 -3.94 -12.77
N ASP B 333 20.72 -3.60 -11.62
CA ASP B 333 21.97 -4.22 -11.17
C ASP B 333 21.74 -5.48 -10.35
N GLY B 334 20.48 -5.89 -10.18
CA GLY B 334 20.18 -7.13 -9.49
C GLY B 334 20.44 -7.10 -8.00
N MET B 335 20.58 -5.91 -7.41
CA MET B 335 20.95 -5.80 -6.01
C MET B 335 19.79 -6.01 -5.05
N ALA B 336 18.55 -5.96 -5.53
CA ALA B 336 17.41 -6.08 -4.63
C ALA B 336 16.20 -6.61 -5.39
N VAL B 337 15.25 -7.13 -4.63
CA VAL B 337 13.98 -7.62 -5.15
C VAL B 337 12.87 -6.94 -4.37
N ALA B 338 11.92 -6.32 -5.07
CA ALA B 338 10.81 -5.62 -4.45
C ALA B 338 9.52 -6.34 -4.77
N THR B 339 8.78 -6.70 -3.73
CA THR B 339 7.51 -7.40 -3.86
C THR B 339 6.42 -6.55 -3.23
N GLY B 340 5.43 -6.16 -4.02
CA GLY B 340 4.29 -5.38 -3.54
C GLY B 340 3.06 -6.26 -3.44
N SER B 341 2.29 -6.05 -2.38
CA SER B 341 1.16 -6.92 -2.08
C SER B 341 -0.07 -6.10 -1.74
N TRP B 342 -1.19 -6.81 -1.61
CA TRP B 342 -2.49 -6.19 -1.38
C TRP B 342 -2.64 -5.61 0.02
N ASP B 343 -1.68 -5.86 0.92
CA ASP B 343 -1.69 -5.23 2.23
C ASP B 343 -1.11 -3.83 2.21
N SER B 344 -0.88 -3.26 1.02
CA SER B 344 -0.35 -1.92 0.78
C SER B 344 1.12 -1.79 1.12
N PHE B 345 1.78 -2.85 1.58
CA PHE B 345 3.18 -2.77 1.94
C PHE B 345 4.05 -3.23 0.77
N LEU B 346 5.07 -2.43 0.47
CA LEU B 346 6.05 -2.74 -0.56
C LEU B 346 7.38 -3.00 0.13
N LYS B 347 7.89 -4.23 0.01
CA LYS B 347 9.06 -4.67 0.76
C LYS B 347 10.21 -4.93 -0.20
N ILE B 348 11.37 -4.40 0.13
CA ILE B 348 12.58 -4.61 -0.66
C ILE B 348 13.35 -5.78 -0.04
N TRP B 349 13.60 -6.82 -0.83
CA TRP B 349 14.27 -8.02 -0.35
C TRP B 349 15.69 -8.05 -0.93
N ASN B 350 16.67 -8.26 -0.06
CA ASN B 350 18.06 -8.34 -0.48
C ASN B 350 18.72 -9.52 0.23
N GLY B 351 19.65 -10.17 -0.48
CA GLY B 351 20.33 -11.33 0.05
C GLY B 351 21.59 -10.94 0.79
N SER B 352 21.76 -11.49 1.99
CA SER B 352 22.91 -11.23 2.83
C SER B 352 23.70 -12.51 3.06
N SER B 353 25.02 -12.40 3.02
CA SER B 353 25.89 -13.55 3.22
C SER B 353 25.87 -14.02 4.67
N VAL C 1 7.25 30.47 -14.27
CA VAL C 1 8.35 30.61 -13.34
C VAL C 1 8.90 32.03 -13.37
N GLN C 2 8.50 32.83 -12.39
CA GLN C 2 8.93 34.22 -12.31
C GLN C 2 8.82 34.69 -10.87
N LEU C 3 9.87 35.33 -10.38
CA LEU C 3 9.90 35.86 -9.01
C LEU C 3 10.17 37.35 -9.07
N VAL C 4 9.27 38.15 -8.52
CA VAL C 4 9.39 39.59 -8.47
C VAL C 4 9.40 40.01 -7.02
N GLU C 5 10.44 40.74 -6.61
CA GLU C 5 10.60 41.21 -5.25
C GLU C 5 10.52 42.73 -5.23
N SER C 6 9.66 43.27 -4.37
CA SER C 6 9.49 44.70 -4.24
C SER C 6 9.40 45.07 -2.76
N GLY C 7 9.79 46.30 -2.45
CA GLY C 7 9.71 46.78 -1.09
C GLY C 7 11.04 47.24 -0.51
N GLY C 8 11.98 47.60 -1.38
CA GLY C 8 13.26 48.10 -0.91
C GLY C 8 13.61 49.48 -1.42
N GLY C 9 13.62 50.45 -0.51
CA GLY C 9 14.02 51.81 -0.84
C GLY C 9 15.22 52.25 -0.03
N LEU C 10 15.00 53.19 0.90
CA LEU C 10 16.02 53.61 1.85
C LEU C 10 15.41 53.65 3.24
N VAL C 11 16.15 53.12 4.22
CA VAL C 11 15.68 53.02 5.59
C VAL C 11 16.75 53.57 6.52
N GLN C 12 16.32 54.35 7.51
CA GLN C 12 17.25 54.86 8.51
C GLN C 12 17.81 53.72 9.35
N PRO C 13 19.03 53.86 9.87
CA PRO C 13 19.60 52.81 10.70
C PRO C 13 18.72 52.50 11.90
N GLY C 14 18.62 51.22 12.24
CA GLY C 14 17.76 50.79 13.32
C GLY C 14 16.29 50.75 13.00
N GLY C 15 15.91 50.98 11.75
CA GLY C 15 14.52 50.98 11.35
C GLY C 15 13.99 49.59 11.06
N SER C 16 12.77 49.55 10.52
CA SER C 16 12.15 48.25 10.18
C SER C 16 11.68 48.28 8.72
N ARG C 17 11.98 47.21 7.96
CA ARG C 17 11.58 47.14 6.54
C ARG C 17 10.92 45.79 6.28
N LYS C 18 9.84 45.76 5.52
CA LYS C 18 9.25 44.43 5.17
C LYS C 18 9.50 44.16 3.69
N LEU C 19 10.03 42.99 3.37
CA LEU C 19 10.30 42.63 1.98
C LEU C 19 9.26 41.64 1.50
N SER C 20 8.86 41.77 0.24
CA SER C 20 7.85 40.92 -0.37
C SER C 20 8.42 40.28 -1.63
N CYS C 21 8.25 38.97 -1.76
CA CYS C 21 8.69 38.21 -2.92
C CYS C 21 7.47 37.57 -3.56
N SER C 22 7.09 38.05 -4.75
CA SER C 22 5.92 37.55 -5.45
C SER C 22 6.30 36.36 -6.31
N ALA C 23 5.60 35.25 -6.13
CA ALA C 23 5.84 34.02 -6.89
C ALA C 23 4.63 33.72 -7.76
N SER C 24 4.88 33.41 -9.02
CA SER C 24 3.80 33.11 -9.97
C SER C 24 4.38 32.33 -11.13
N GLY C 25 3.92 31.09 -11.30
CA GLY C 25 4.37 30.28 -12.42
C GLY C 25 4.82 28.89 -12.05
N PHE C 26 4.74 28.55 -10.77
CA PHE C 26 5.14 27.23 -10.29
C PHE C 26 4.44 26.94 -8.98
N ALA C 27 4.57 25.69 -8.52
CA ALA C 27 3.99 25.27 -7.26
C ALA C 27 4.76 25.87 -6.10
N PHE C 28 4.30 27.02 -5.60
CA PHE C 28 5.02 27.71 -4.53
C PHE C 28 5.03 26.90 -3.24
N SER C 29 3.91 26.23 -2.92
CA SER C 29 3.81 25.49 -1.67
C SER C 29 4.79 24.33 -1.60
N SER C 30 5.20 23.78 -2.75
CA SER C 30 6.11 22.64 -2.78
C SER C 30 7.58 23.04 -2.87
N PHE C 31 7.88 24.33 -2.86
CA PHE C 31 9.24 24.83 -3.04
C PHE C 31 9.74 25.48 -1.75
N GLY C 32 10.90 25.04 -1.28
CA GLY C 32 11.59 25.75 -0.22
C GLY C 32 12.25 27.00 -0.78
N MET C 33 12.16 28.09 -0.02
CA MET C 33 12.60 29.40 -0.50
C MET C 33 13.69 29.95 0.41
N HIS C 34 14.69 30.58 -0.21
CA HIS C 34 15.80 31.19 0.48
C HIS C 34 15.84 32.69 0.19
N TRP C 35 16.44 33.43 1.11
CA TRP C 35 16.73 34.84 0.92
C TRP C 35 18.24 35.02 0.85
N VAL C 36 18.72 35.63 -0.23
CA VAL C 36 20.15 35.82 -0.46
C VAL C 36 20.39 37.30 -0.72
N ARG C 37 21.30 37.90 0.03
CA ARG C 37 21.68 39.28 -0.15
C ARG C 37 22.94 39.38 -1.01
N GLN C 38 23.27 40.60 -1.41
CA GLN C 38 24.50 40.87 -2.16
C GLN C 38 24.88 42.33 -1.91
N ALA C 39 25.88 42.54 -1.06
CA ALA C 39 26.34 43.89 -0.79
C ALA C 39 26.95 44.50 -2.06
N PRO C 40 26.78 45.80 -2.27
CA PRO C 40 27.34 46.44 -3.47
C PRO C 40 28.85 46.28 -3.52
N GLU C 41 29.36 46.00 -4.73
CA GLU C 41 30.78 45.78 -4.97
C GLU C 41 31.35 44.68 -4.07
N LYS C 42 30.53 43.69 -3.76
CA LYS C 42 30.93 42.61 -2.87
C LYS C 42 30.24 41.32 -3.31
N GLY C 43 30.53 40.23 -2.60
CA GLY C 43 29.92 38.96 -2.89
C GLY C 43 28.54 38.83 -2.31
N LEU C 44 27.95 37.64 -2.48
CA LEU C 44 26.62 37.32 -2.00
C LEU C 44 26.70 36.28 -0.89
N GLU C 45 25.83 36.42 0.10
CA GLU C 45 25.82 35.50 1.24
C GLU C 45 24.40 35.13 1.59
N TRP C 46 24.24 33.93 2.15
CA TRP C 46 22.94 33.42 2.56
C TRP C 46 22.42 34.21 3.76
N VAL C 47 21.10 34.36 3.83
CA VAL C 47 20.47 35.14 4.90
C VAL C 47 19.49 34.27 5.68
N ALA C 48 18.47 33.75 5.01
CA ALA C 48 17.43 33.00 5.68
C ALA C 48 16.83 31.98 4.73
N TYR C 49 16.17 30.98 5.29
CA TYR C 49 15.54 29.92 4.50
C TYR C 49 14.36 29.34 5.28
N ILE C 50 13.24 29.14 4.59
CA ILE C 50 12.05 28.53 5.15
C ILE C 50 11.64 27.37 4.26
N SER C 51 11.44 26.20 4.85
CA SER C 51 11.15 24.99 4.09
C SER C 51 9.70 25.04 3.58
N SER C 52 9.34 24.00 2.82
CA SER C 52 7.96 23.84 2.38
C SER C 52 7.08 23.47 3.56
N GLY C 53 5.95 24.15 3.69
CA GLY C 53 5.09 23.97 4.85
C GLY C 53 5.52 24.72 6.07
N SER C 54 6.55 25.57 5.97
CA SER C 54 7.04 26.37 7.09
C SER C 54 7.43 25.50 8.28
N GLY C 55 8.07 24.38 7.99
CA GLY C 55 8.46 23.44 9.03
C GLY C 55 9.74 23.83 9.74
N THR C 56 10.83 23.95 8.99
CA THR C 56 12.14 24.28 9.53
C THR C 56 12.60 25.61 8.97
N ILE C 57 13.08 26.49 9.85
CA ILE C 57 13.57 27.80 9.47
C ILE C 57 14.99 27.96 10.00
N TYR C 58 15.91 28.38 9.12
CA TYR C 58 17.30 28.59 9.49
C TYR C 58 17.72 30.00 9.10
N TYR C 59 18.37 30.69 10.02
CA TYR C 59 18.92 32.02 9.78
C TYR C 59 20.43 31.98 9.92
N ALA C 60 21.10 32.86 9.19
CA ALA C 60 22.54 33.02 9.38
C ALA C 60 22.82 33.65 10.74
N ASP C 61 24.00 33.35 11.28
CA ASP C 61 24.34 33.80 12.63
C ASP C 61 24.37 35.31 12.75
N THR C 62 24.62 36.03 11.66
CA THR C 62 24.72 37.48 11.68
C THR C 62 23.37 38.18 11.52
N VAL C 63 22.28 37.43 11.31
CA VAL C 63 20.98 38.05 11.08
C VAL C 63 19.93 37.41 11.96
N LYS C 64 20.36 36.51 12.85
CA LYS C 64 19.42 35.82 13.72
C LYS C 64 18.75 36.80 14.68
N GLY C 65 17.43 36.66 14.82
CA GLY C 65 16.66 37.57 15.66
C GLY C 65 16.26 38.87 15.01
N ARG C 66 17.23 39.54 14.37
CA ARG C 66 16.93 40.85 13.72
C ARG C 66 16.02 40.61 12.51
N PHE C 67 16.17 39.47 11.84
CA PHE C 67 15.38 39.19 10.63
C PHE C 67 14.46 37.99 10.88
N THR C 68 13.19 38.11 10.54
CA THR C 68 12.28 36.94 10.67
C THR C 68 11.67 36.63 9.30
N ILE C 69 11.64 35.37 8.91
CA ILE C 69 11.11 34.99 7.62
C ILE C 69 9.69 34.46 7.79
N SER C 70 8.90 34.55 6.73
CA SER C 70 7.52 34.07 6.75
C SER C 70 7.02 33.95 5.32
N ARG C 71 6.52 32.77 4.96
CA ARG C 71 5.92 32.54 3.66
C ARG C 71 4.40 32.51 3.80
N ASP C 72 3.73 32.76 2.68
CA ASP C 72 2.27 32.81 2.64
C ASP C 72 1.81 31.98 1.44
N ASP C 73 1.45 30.72 1.70
CA ASP C 73 1.05 29.82 0.62
C ASP C 73 -0.16 30.27 -0.18
N PRO C 74 -1.27 30.75 0.42
CA PRO C 74 -2.48 30.98 -0.39
C PRO C 74 -2.29 31.90 -1.59
N LYS C 75 -1.49 32.95 -1.49
CA LYS C 75 -1.28 33.83 -2.65
C LYS C 75 0.20 33.87 -3.08
N ASN C 76 0.98 32.87 -2.68
CA ASN C 76 2.35 32.67 -3.18
C ASN C 76 3.21 33.92 -2.99
N THR C 77 3.40 34.29 -1.72
CA THR C 77 4.21 35.45 -1.38
C THR C 77 5.16 35.09 -0.25
N LEU C 78 6.42 35.50 -0.40
CA LEU C 78 7.44 35.27 0.61
C LEU C 78 7.82 36.59 1.26
N PHE C 79 7.83 36.63 2.58
CA PHE C 79 8.08 37.84 3.35
C PHE C 79 9.40 37.73 4.09
N LEU C 80 10.02 38.88 4.33
CA LEU C 80 11.25 38.97 5.13
C LEU C 80 11.15 40.23 5.99
N GLN C 81 10.69 40.07 7.22
CA GLN C 81 10.55 41.20 8.13
C GLN C 81 11.92 41.59 8.68
N MET C 82 12.24 42.88 8.62
CA MET C 82 13.53 43.40 9.02
C MET C 82 13.36 44.25 10.28
N THR C 83 14.13 43.93 11.33
CA THR C 83 14.12 44.69 12.57
C THR C 83 15.54 45.10 12.93
N SER C 84 15.69 46.36 13.36
CA SER C 84 16.99 46.90 13.78
C SER C 84 18.04 46.77 12.68
N LEU C 85 17.78 47.45 11.57
CA LEU C 85 18.68 47.40 10.43
C LEU C 85 20.01 48.10 10.77
N ARG C 86 21.10 47.52 10.27
CA ARG C 86 22.44 48.04 10.50
C ARG C 86 22.98 48.67 9.21
N SER C 87 24.08 49.42 9.37
CA SER C 87 24.71 50.06 8.21
C SER C 87 25.31 49.06 7.24
N GLU C 88 25.64 47.85 7.70
CA GLU C 88 26.19 46.82 6.84
C GLU C 88 25.12 45.96 6.19
N ASP C 89 23.85 46.28 6.42
CA ASP C 89 22.73 45.50 5.89
C ASP C 89 22.30 45.95 4.50
N THR C 90 22.87 47.03 3.98
CA THR C 90 22.49 47.53 2.65
C THR C 90 22.99 46.55 1.59
N ALA C 91 22.05 45.88 0.92
CA ALA C 91 22.39 44.88 -0.08
C ALA C 91 21.19 44.62 -0.96
N MET C 92 21.43 43.97 -2.10
CA MET C 92 20.37 43.55 -3.00
C MET C 92 19.92 42.16 -2.60
N TYR C 93 18.69 42.06 -2.12
CA TYR C 93 18.15 40.80 -1.61
C TYR C 93 17.49 40.03 -2.73
N TYR C 94 17.89 38.77 -2.90
CA TYR C 94 17.39 37.90 -3.96
C TYR C 94 16.48 36.84 -3.37
N CYS C 95 15.46 36.47 -4.15
CA CYS C 95 14.50 35.44 -3.80
C CYS C 95 14.82 34.19 -4.60
N VAL C 96 15.21 33.12 -3.91
CA VAL C 96 15.66 31.89 -4.54
C VAL C 96 14.77 30.75 -4.09
N ARG C 97 14.29 29.96 -5.05
CA ARG C 97 13.51 28.76 -4.77
C ARG C 97 14.42 27.53 -4.80
N SER C 98 14.00 26.50 -4.07
CA SER C 98 14.78 25.27 -3.98
C SER C 98 13.86 24.14 -3.54
N ILE C 99 13.75 23.10 -4.34
CA ILE C 99 12.96 21.92 -4.04
C ILE C 99 13.90 20.77 -3.73
N TYR C 100 13.59 20.01 -2.69
CA TYR C 100 14.50 18.98 -2.17
C TYR C 100 13.83 17.62 -2.25
N TYR C 101 14.19 16.84 -3.27
CA TYR C 101 13.92 15.41 -3.32
C TYR C 101 15.11 14.73 -3.98
N TYR C 102 15.04 13.43 -4.17
CA TYR C 102 16.15 12.69 -4.74
C TYR C 102 16.31 13.07 -6.22
N GLY C 103 17.39 13.76 -6.53
CA GLY C 103 17.66 14.17 -7.90
C GLY C 103 17.12 15.53 -8.28
N SER C 104 16.70 16.35 -7.32
CA SER C 104 16.18 17.68 -7.62
C SER C 104 17.32 18.64 -7.91
N SER C 105 16.97 19.89 -8.22
CA SER C 105 17.94 20.94 -8.55
C SER C 105 17.66 22.15 -7.68
N PRO C 106 18.17 22.17 -6.45
CA PRO C 106 17.95 23.31 -5.57
C PRO C 106 18.66 24.56 -6.09
N PHE C 107 18.14 25.71 -5.67
CA PHE C 107 18.66 27.02 -6.08
C PHE C 107 18.65 27.17 -7.60
N ASP C 108 17.58 26.69 -8.23
CA ASP C 108 17.50 26.73 -9.68
C ASP C 108 17.15 28.11 -10.20
N PHE C 109 16.12 28.73 -9.64
CA PHE C 109 15.64 30.02 -10.11
C PHE C 109 15.87 31.10 -9.06
N TRP C 110 16.34 32.25 -9.52
CA TRP C 110 16.64 33.39 -8.66
C TRP C 110 15.75 34.56 -9.04
N GLY C 111 15.30 35.31 -8.04
CA GLY C 111 14.47 36.47 -8.29
C GLY C 111 15.26 37.64 -8.86
N GLN C 112 14.51 38.65 -9.30
CA GLN C 112 15.14 39.83 -9.87
C GLN C 112 15.97 40.58 -8.82
N GLY C 113 15.46 40.69 -7.61
CA GLY C 113 16.18 41.34 -6.55
C GLY C 113 15.72 42.77 -6.32
N THR C 114 15.82 43.22 -5.07
CA THR C 114 15.44 44.57 -4.68
C THR C 114 16.62 45.23 -3.98
N THR C 115 16.90 46.48 -4.34
CA THR C 115 18.00 47.21 -3.75
C THR C 115 17.57 47.83 -2.41
N LEU C 116 18.41 47.66 -1.40
CA LEU C 116 18.18 48.24 -0.08
C LEU C 116 19.40 49.08 0.29
N THR C 117 19.17 50.32 0.72
CA THR C 117 20.23 51.25 1.06
C THR C 117 19.97 51.81 2.45
N VAL C 118 20.83 51.46 3.41
CA VAL C 118 20.72 51.95 4.77
C VAL C 118 21.64 53.16 4.93
N SER C 119 21.08 54.28 5.36
CA SER C 119 21.86 55.50 5.49
C SER C 119 22.80 55.41 6.68
N ALA C 136 32.85 28.10 12.87
CA ALA C 136 32.20 26.81 12.64
C ALA C 136 31.49 26.79 11.29
N ASP C 137 31.87 27.71 10.42
CA ASP C 137 31.29 27.84 9.09
C ASP C 137 32.30 27.42 8.04
N ILE C 138 31.84 26.61 7.08
CA ILE C 138 32.71 26.14 6.01
C ILE C 138 32.97 27.30 5.05
N VAL C 139 34.15 27.88 5.14
CA VAL C 139 34.54 29.00 4.28
C VAL C 139 35.04 28.45 2.96
N MET C 140 34.46 28.91 1.86
CA MET C 140 34.86 28.51 0.52
C MET C 140 35.78 29.58 -0.06
N THR C 141 36.97 29.16 -0.48
CA THR C 141 38.00 30.07 -0.93
C THR C 141 38.16 30.00 -2.45
N GLN C 142 38.08 31.15 -3.10
CA GLN C 142 38.37 31.29 -4.53
C GLN C 142 39.51 32.31 -4.62
N ALA C 143 40.75 31.81 -4.62
CA ALA C 143 41.91 32.70 -4.61
C ALA C 143 41.95 33.59 -5.84
N THR C 144 41.67 33.02 -7.02
CA THR C 144 41.63 33.81 -8.23
C THR C 144 40.30 34.55 -8.32
N SER C 145 40.37 35.88 -8.51
CA SER C 145 39.19 36.70 -8.58
C SER C 145 38.95 37.34 -9.94
N SER C 146 39.96 37.43 -10.80
CA SER C 146 39.81 38.04 -12.10
C SER C 146 40.68 37.28 -13.10
N VAL C 147 40.05 36.64 -14.07
CA VAL C 147 40.73 35.86 -15.10
C VAL C 147 40.39 36.47 -16.45
N PRO C 148 41.24 37.36 -16.97
CA PRO C 148 41.00 37.90 -18.32
C PRO C 148 41.28 36.87 -19.39
N VAL C 149 40.23 36.34 -20.00
CA VAL C 149 40.34 35.29 -21.01
C VAL C 149 39.49 35.65 -22.20
N THR C 150 39.88 35.15 -23.38
CA THR C 150 39.20 35.44 -24.64
C THR C 150 38.28 34.29 -25.02
N PRO C 151 37.21 34.57 -25.78
CA PRO C 151 36.33 33.49 -26.23
C PRO C 151 37.06 32.50 -27.13
N GLY C 152 36.66 31.23 -27.02
CA GLY C 152 37.23 30.20 -27.85
C GLY C 152 38.05 29.17 -27.09
N GLU C 153 38.82 29.63 -26.10
CA GLU C 153 39.67 28.74 -25.32
C GLU C 153 38.89 28.21 -24.11
N SER C 154 39.60 27.53 -23.20
CA SER C 154 39.01 26.93 -22.03
C SER C 154 39.56 27.60 -20.78
N VAL C 155 38.67 27.93 -19.85
CA VAL C 155 39.04 28.55 -18.58
C VAL C 155 38.52 27.67 -17.44
N SER C 156 39.37 27.41 -16.47
CA SER C 156 39.02 26.57 -15.32
C SER C 156 38.83 27.45 -14.09
N ILE C 157 37.73 27.24 -13.39
CA ILE C 157 37.41 27.96 -12.16
C ILE C 157 37.54 26.98 -11.00
N SER C 158 38.35 27.35 -10.01
CA SER C 158 38.66 26.46 -8.89
C SER C 158 37.90 26.88 -7.64
N CYS C 159 37.73 25.93 -6.73
CA CYS C 159 37.12 26.17 -5.44
C CYS C 159 37.74 25.23 -4.41
N ARG C 160 37.61 25.60 -3.15
CA ARG C 160 38.15 24.79 -2.05
C ARG C 160 37.33 25.05 -0.80
N SER C 161 37.16 24.01 0.01
CA SER C 161 36.37 24.09 1.23
C SER C 161 37.19 23.60 2.42
N SER C 162 36.95 24.20 3.58
CA SER C 162 37.63 23.79 4.79
C SER C 162 37.26 22.35 5.17
N LYS C 163 35.98 22.01 5.04
CA LYS C 163 35.46 20.69 5.37
C LYS C 163 35.17 19.92 4.08
N SER C 164 35.48 18.63 4.08
CA SER C 164 35.21 17.80 2.92
C SER C 164 33.72 17.70 2.68
N LEU C 165 33.26 18.24 1.55
CA LEU C 165 31.84 18.27 1.23
C LEU C 165 31.29 16.91 0.87
N LEU C 166 32.14 15.91 0.65
CA LEU C 166 31.67 14.56 0.34
C LEU C 166 30.98 13.97 1.56
N HIS C 167 29.80 13.41 1.35
CA HIS C 167 28.96 12.87 2.41
C HIS C 167 28.86 11.35 2.26
N SER C 168 28.47 10.69 3.36
CA SER C 168 28.38 9.23 3.37
C SER C 168 27.36 8.73 2.36
N ASN C 169 26.36 9.55 2.01
CA ASN C 169 25.37 9.14 1.03
C ASN C 169 25.93 9.08 -0.39
N GLY C 170 27.14 9.60 -0.61
CA GLY C 170 27.77 9.54 -1.91
C GLY C 170 27.64 10.79 -2.75
N ASN C 171 27.07 11.86 -2.22
CA ASN C 171 26.86 13.10 -2.95
C ASN C 171 27.76 14.19 -2.37
N THR C 172 28.48 14.87 -3.24
CA THR C 172 29.31 16.02 -2.85
C THR C 172 28.48 17.28 -3.12
N TYR C 173 27.91 17.83 -2.05
CA TYR C 173 26.99 18.97 -2.19
C TYR C 173 27.74 20.27 -2.45
N LEU C 174 28.18 20.51 -3.68
CA LEU C 174 28.80 21.82 -4.04
C LEU C 174 28.08 22.35 -5.28
N TYR C 175 27.56 23.57 -5.22
CA TYR C 175 26.79 24.14 -6.36
C TYR C 175 27.59 25.26 -7.03
N TRP C 176 27.27 25.61 -8.27
CA TRP C 176 27.94 26.74 -8.96
C TRP C 176 26.89 27.71 -9.48
N PHE C 177 27.24 28.99 -9.64
CA PHE C 177 26.31 30.02 -10.08
C PHE C 177 27.02 31.01 -10.99
N LEU C 178 26.28 31.53 -11.96
CA LEU C 178 26.77 32.52 -12.90
C LEU C 178 25.99 33.81 -12.71
N GLN C 179 26.71 34.91 -12.49
CA GLN C 179 26.09 36.23 -12.32
C GLN C 179 26.56 37.12 -13.47
N ARG C 180 25.70 37.26 -14.48
CA ARG C 180 26.01 38.15 -15.58
C ARG C 180 25.97 39.60 -15.11
N PRO C 181 26.73 40.49 -15.76
CA PRO C 181 26.73 41.90 -15.34
C PRO C 181 25.34 42.51 -15.41
N GLY C 182 24.89 43.08 -14.30
CA GLY C 182 23.56 43.65 -14.22
C GLY C 182 22.46 42.64 -14.36
N GLN C 183 22.63 41.45 -13.78
CA GLN C 183 21.63 40.39 -13.87
C GLN C 183 21.56 39.68 -12.53
N SER C 184 20.89 38.53 -12.51
CA SER C 184 20.73 37.71 -11.32
C SER C 184 21.52 36.41 -11.45
N PRO C 185 21.97 35.83 -10.34
CA PRO C 185 22.73 34.57 -10.43
C PRO C 185 21.89 33.46 -11.04
N GLN C 186 22.55 32.63 -11.84
CA GLN C 186 21.91 31.51 -12.53
C GLN C 186 22.65 30.23 -12.19
N LEU C 187 21.90 29.20 -11.81
CA LEU C 187 22.51 27.93 -11.44
C LEU C 187 23.08 27.23 -12.67
N LEU C 188 24.32 26.76 -12.57
CA LEU C 188 24.98 26.04 -13.65
C LEU C 188 25.09 24.54 -13.34
N ILE C 189 25.69 24.19 -12.21
CA ILE C 189 25.93 22.80 -11.85
C ILE C 189 25.54 22.61 -10.39
N TYR C 190 24.77 21.54 -10.15
CA TYR C 190 24.37 21.19 -8.77
C TYR C 190 25.05 19.87 -8.40
N ARG C 191 25.38 19.69 -7.13
CA ARG C 191 26.07 18.46 -6.64
C ARG C 191 27.40 18.25 -7.38
N MET C 192 28.00 19.29 -7.95
CA MET C 192 29.37 19.23 -8.48
C MET C 192 29.47 18.39 -9.75
N SER C 193 28.42 17.67 -10.09
CA SER C 193 28.49 16.83 -11.29
C SER C 193 27.33 17.06 -12.24
N ASN C 194 26.13 17.28 -11.73
CA ASN C 194 24.94 17.34 -12.58
C ASN C 194 24.76 18.73 -13.16
N LEU C 195 24.54 18.79 -14.47
CA LEU C 195 24.28 20.05 -15.14
C LEU C 195 22.84 20.48 -14.97
N ALA C 196 22.64 21.78 -14.72
CA ALA C 196 21.30 22.30 -14.54
C ALA C 196 20.57 22.35 -15.88
N SER C 197 19.23 22.30 -15.80
CA SER C 197 18.41 22.34 -17.00
C SER C 197 18.57 23.67 -17.72
N GLY C 198 18.78 23.62 -19.03
CA GLY C 198 18.99 24.80 -19.83
C GLY C 198 20.43 25.25 -19.94
N VAL C 199 21.29 24.78 -19.04
CA VAL C 199 22.72 25.12 -19.11
C VAL C 199 23.35 24.38 -20.29
N PRO C 200 24.13 25.06 -21.13
CA PRO C 200 24.76 24.37 -22.27
C PRO C 200 25.72 23.30 -21.79
N ASP C 201 25.90 22.26 -22.62
CA ASP C 201 26.81 21.17 -22.31
C ASP C 201 28.26 21.62 -22.23
N ARG C 202 28.56 22.86 -22.60
CA ARG C 202 29.93 23.37 -22.52
C ARG C 202 30.44 23.39 -21.09
N PHE C 203 29.56 23.69 -20.14
CA PHE C 203 29.97 23.70 -18.74
C PHE C 203 30.12 22.28 -18.21
N SER C 204 31.16 22.07 -17.40
CA SER C 204 31.42 20.76 -16.80
C SER C 204 32.01 20.97 -15.42
N GLY C 205 31.79 19.99 -14.55
CA GLY C 205 32.25 20.09 -13.17
C GLY C 205 32.81 18.76 -12.70
N SER C 206 33.84 18.86 -11.86
CA SER C 206 34.51 17.69 -11.31
C SER C 206 35.28 18.13 -10.06
N GLY C 207 36.06 17.21 -9.51
CA GLY C 207 36.88 17.50 -8.35
C GLY C 207 36.80 16.36 -7.36
N SER C 208 37.15 16.66 -6.12
CA SER C 208 37.15 15.67 -5.04
C SER C 208 36.31 16.17 -3.87
N GLY C 209 36.38 15.48 -2.74
CA GLY C 209 35.61 15.90 -1.58
C GLY C 209 36.03 17.25 -1.02
N THR C 210 37.25 17.68 -1.29
CA THR C 210 37.77 18.96 -0.81
C THR C 210 38.09 19.94 -1.92
N ALA C 211 38.70 19.48 -3.01
CA ALA C 211 39.08 20.33 -4.13
C ALA C 211 37.99 20.26 -5.20
N PHE C 212 37.56 21.43 -5.68
CA PHE C 212 36.49 21.53 -6.66
C PHE C 212 36.93 22.43 -7.80
N THR C 213 36.59 22.03 -9.03
CA THR C 213 36.95 22.79 -10.21
C THR C 213 35.75 22.90 -11.14
N LEU C 214 35.71 24.00 -11.89
CA LEU C 214 34.69 24.24 -12.90
C LEU C 214 35.40 24.51 -14.23
N THR C 215 35.06 23.72 -15.25
CA THR C 215 35.71 23.80 -16.55
C THR C 215 34.69 24.09 -17.63
N ILE C 216 35.08 24.95 -18.56
CA ILE C 216 34.25 25.30 -19.71
C ILE C 216 35.04 24.96 -20.97
N SER C 217 34.43 24.17 -21.86
CA SER C 217 35.13 23.73 -23.07
C SER C 217 35.31 24.88 -24.05
N ARG C 218 34.19 25.41 -24.55
CA ARG C 218 34.19 26.53 -25.48
C ARG C 218 33.50 27.71 -24.80
N LEU C 219 34.12 28.88 -24.88
CA LEU C 219 33.61 30.07 -24.20
C LEU C 219 33.08 31.06 -25.24
N GLU C 220 31.86 31.53 -25.04
CA GLU C 220 31.20 32.48 -25.91
C GLU C 220 31.03 33.82 -25.18
N ALA C 221 30.47 34.80 -25.90
CA ALA C 221 30.36 36.15 -25.36
C ALA C 221 29.44 36.24 -24.15
N GLU C 222 28.53 35.29 -23.98
CA GLU C 222 27.57 35.33 -22.87
C GLU C 222 28.12 34.70 -21.59
N ASP C 223 29.34 34.18 -21.61
CA ASP C 223 29.95 33.57 -20.43
C ASP C 223 30.62 34.58 -19.52
N VAL C 224 30.66 35.86 -19.90
CA VAL C 224 31.30 36.88 -19.08
C VAL C 224 30.47 37.11 -17.84
N GLY C 225 31.09 36.99 -16.67
CA GLY C 225 30.40 37.19 -15.42
C GLY C 225 31.25 36.75 -14.26
N VAL C 226 30.61 36.67 -13.08
CA VAL C 226 31.25 36.26 -11.85
C VAL C 226 30.70 34.90 -11.44
N TYR C 227 31.59 33.96 -11.15
CA TYR C 227 31.21 32.62 -10.75
C TYR C 227 31.41 32.45 -9.25
N TYR C 228 30.37 32.01 -8.56
CA TYR C 228 30.38 31.88 -7.11
C TYR C 228 30.24 30.42 -6.71
N CYS C 229 30.99 30.03 -5.69
CA CYS C 229 30.95 28.68 -5.16
C CYS C 229 29.79 28.56 -4.18
N MET C 230 29.50 27.33 -3.76
CA MET C 230 28.36 27.09 -2.87
C MET C 230 28.59 25.79 -2.12
N GLN C 231 28.11 25.76 -0.87
CA GLN C 231 28.21 24.59 -0.01
C GLN C 231 26.83 24.27 0.55
N HIS C 232 26.50 22.97 0.65
CA HIS C 232 25.20 22.58 1.17
C HIS C 232 25.27 21.37 2.10
N LEU C 233 26.44 21.12 2.68
CA LEU C 233 26.57 19.98 3.62
C LEU C 233 25.97 20.39 4.97
N GLU C 234 25.98 21.69 5.28
CA GLU C 234 25.53 22.16 6.62
C GLU C 234 24.64 23.39 6.50
N TYR C 235 23.78 23.63 7.49
CA TYR C 235 22.79 24.75 7.41
C TYR C 235 23.45 26.07 7.05
N PRO C 236 24.49 26.55 7.76
CA PRO C 236 25.04 27.86 7.40
C PRO C 236 25.53 27.58 5.97
N LEU C 237 24.93 28.23 4.97
CA LEU C 237 25.30 27.97 3.54
C LEU C 237 26.26 29.13 3.27
N THR C 238 27.40 28.86 2.63
CA THR C 238 28.40 29.92 2.45
C THR C 238 28.77 30.04 0.97
N PHE C 239 28.84 31.27 0.44
CA PHE C 239 29.25 31.35 -0.95
C PHE C 239 30.73 31.67 -1.04
N GLY C 240 31.27 31.57 -2.26
CA GLY C 240 32.64 31.93 -2.50
C GLY C 240 32.82 33.42 -2.71
N ALA C 241 34.09 33.83 -2.79
CA ALA C 241 34.39 35.24 -3.03
C ALA C 241 34.10 35.67 -4.45
N GLY C 242 33.98 34.72 -5.37
CA GLY C 242 33.69 35.03 -6.76
C GLY C 242 34.94 34.99 -7.62
N THR C 243 34.72 34.77 -8.93
CA THR C 243 35.80 34.72 -9.91
C THR C 243 35.31 35.41 -11.18
N LYS C 244 35.64 36.69 -11.31
CA LYS C 244 35.21 37.46 -12.48
C LYS C 244 35.93 36.98 -13.73
N LEU C 245 35.18 36.85 -14.82
CA LEU C 245 35.72 36.45 -16.12
C LEU C 245 35.60 37.64 -17.07
N GLU C 246 36.64 38.48 -17.08
CA GLU C 246 36.66 39.63 -17.96
C GLU C 246 36.89 39.20 -19.41
N LEU C 247 36.28 39.95 -20.33
CA LEU C 247 36.42 39.66 -21.75
C LEU C 247 37.80 40.04 -22.26
N ASP D 49 1.12 -25.86 53.16
CA ASP D 49 -0.22 -25.94 53.80
C ASP D 49 -1.26 -26.28 52.73
N TRP D 50 -2.45 -26.75 53.14
CA TRP D 50 -3.47 -27.17 52.14
C TRP D 50 -3.86 -26.00 51.25
N LYS D 51 -4.24 -24.87 51.83
CA LYS D 51 -4.72 -23.71 51.03
C LYS D 51 -3.60 -23.29 50.07
N SER D 52 -2.40 -23.04 50.60
CA SER D 52 -1.27 -22.60 49.75
C SER D 52 -1.00 -23.65 48.68
N SER D 53 -1.12 -24.93 49.03
CA SER D 53 -0.78 -25.99 48.06
C SER D 53 -1.53 -25.76 46.75
N LEU D 54 -2.86 -25.66 46.83
CA LEU D 54 -3.65 -25.52 45.57
C LEU D 54 -3.33 -24.17 44.93
N ILE D 55 -3.23 -23.11 45.72
CA ILE D 55 -3.02 -21.76 45.13
C ILE D 55 -1.79 -21.83 44.22
N LEU D 56 -0.71 -22.46 44.69
CA LEU D 56 0.50 -22.61 43.83
C LEU D 56 0.06 -23.26 42.52
N MET D 57 -0.65 -24.39 42.62
CA MET D 57 -1.08 -25.12 41.41
C MET D 57 -1.87 -24.17 40.51
N ALA D 58 -2.78 -23.40 41.10
CA ALA D 58 -3.60 -22.46 40.31
C ALA D 58 -2.66 -21.58 39.50
N TYR D 59 -1.68 -20.96 40.18
CA TYR D 59 -0.79 -20.02 39.47
C TYR D 59 -0.01 -20.75 38.38
N ILE D 60 0.49 -21.95 38.65
CA ILE D 60 1.35 -22.63 37.61
C ILE D 60 0.51 -22.91 36.38
N ILE D 61 -0.77 -23.29 36.56
CA ILE D 61 -1.67 -23.49 35.40
C ILE D 61 -1.97 -22.13 34.76
N ILE D 62 -2.36 -21.14 35.58
CA ILE D 62 -2.67 -19.77 35.07
C ILE D 62 -1.44 -19.18 34.40
N PHE D 63 -0.24 -19.67 34.75
CA PHE D 63 1.02 -19.15 34.15
C PHE D 63 1.44 -20.03 32.97
N LEU D 64 1.33 -21.35 33.13
CA LEU D 64 1.79 -22.27 32.06
C LEU D 64 0.91 -22.10 30.82
N THR D 65 -0.39 -21.87 31.01
CA THR D 65 -1.32 -21.80 29.84
C THR D 65 -1.30 -20.38 29.23
N GLY D 66 -1.45 -19.35 30.07
CA GLY D 66 -1.55 -17.97 29.54
C GLY D 66 -0.28 -17.45 28.89
N LEU D 67 0.90 -17.71 29.47
CA LEU D 67 2.13 -17.09 28.93
C LEU D 67 2.32 -17.43 27.45
N PRO D 68 2.32 -18.72 27.02
CA PRO D 68 2.41 -19.02 25.60
C PRO D 68 1.27 -18.34 24.83
N ALA D 69 0.03 -18.49 25.31
CA ALA D 69 -1.13 -17.94 24.60
C ALA D 69 -0.99 -16.41 24.47
N ASN D 70 -0.73 -15.72 25.57
CA ASN D 70 -0.68 -14.23 25.51
C ASN D 70 0.45 -13.81 24.56
N LEU D 71 1.56 -14.55 24.53
CA LEU D 71 2.67 -14.24 23.59
C LEU D 71 2.19 -14.49 22.15
N LEU D 72 1.55 -15.63 21.90
CA LEU D 72 1.01 -15.89 20.55
C LEU D 72 0.06 -14.75 20.19
N ALA D 73 -0.77 -14.34 21.14
CA ALA D 73 -1.75 -13.26 20.89
C ALA D 73 -0.98 -11.97 20.60
N LEU D 74 0.07 -11.69 21.37
CA LEU D 74 0.81 -10.42 21.19
C LEU D 74 1.41 -10.40 19.79
N ARG D 75 1.83 -11.56 19.28
CA ARG D 75 2.35 -11.62 17.89
C ARG D 75 1.31 -11.05 16.92
N ALA D 76 0.13 -11.68 16.86
CA ALA D 76 -0.87 -11.26 15.86
C ALA D 76 -1.33 -9.83 16.14
N PHE D 77 -1.58 -9.48 17.40
CA PHE D 77 -2.14 -8.15 17.70
C PHE D 77 -1.13 -7.06 17.32
N VAL D 78 0.16 -7.29 17.57
CA VAL D 78 1.19 -6.31 17.13
C VAL D 78 1.11 -6.16 15.61
N GLY D 79 0.99 -7.28 14.90
CA GLY D 79 0.93 -7.25 13.43
C GLY D 79 -0.21 -6.41 12.93
N ARG D 80 -1.41 -6.55 13.52
CA ARG D 80 -2.59 -5.84 12.99
C ARG D 80 -2.48 -4.35 13.36
N ILE D 81 -1.72 -4.01 14.39
CA ILE D 81 -1.51 -2.57 14.72
C ILE D 81 -0.66 -1.95 13.61
N ARG D 82 0.09 -2.77 12.86
CA ARG D 82 0.98 -2.26 11.79
C ARG D 82 0.21 -2.10 10.48
N GLN D 83 -0.65 -3.08 10.14
CA GLN D 83 -1.39 -3.04 8.84
C GLN D 83 -2.14 -1.71 8.69
N PRO D 84 -2.43 -1.27 7.45
CA PRO D 84 -3.07 0.04 7.21
C PRO D 84 -4.36 0.29 8.01
N GLN D 85 -4.51 1.49 8.57
CA GLN D 85 -5.73 1.85 9.35
C GLN D 85 -6.08 0.88 10.46
N PRO D 86 -5.28 0.76 11.55
CA PRO D 86 -5.64 -0.08 12.68
C PRO D 86 -6.99 0.38 13.24
N ALA D 87 -7.73 -0.50 13.93
CA ALA D 87 -9.08 -0.12 14.40
C ALA D 87 -9.02 0.21 15.89
N PRO D 88 -9.94 1.02 16.45
CA PRO D 88 -9.93 1.27 17.87
C PRO D 88 -9.84 -0.06 18.65
N VAL D 89 -10.47 -1.13 18.16
CA VAL D 89 -10.49 -2.43 18.90
C VAL D 89 -9.08 -3.01 18.98
N HIS D 90 -8.31 -2.97 17.90
CA HIS D 90 -6.96 -3.62 17.86
C HIS D 90 -6.01 -2.99 18.88
N ILE D 91 -6.13 -1.68 19.12
CA ILE D 91 -5.28 -1.00 20.14
C ILE D 91 -5.69 -1.49 21.53
N LEU D 92 -6.99 -1.54 21.82
CA LEU D 92 -7.48 -2.01 23.15
C LEU D 92 -7.12 -3.49 23.31
N LEU D 93 -7.16 -4.29 22.24
CA LEU D 93 -6.90 -5.74 22.40
C LEU D 93 -5.40 -5.96 22.63
N LEU D 94 -4.53 -5.21 21.95
CA LEU D 94 -3.08 -5.33 22.23
C LEU D 94 -2.87 -4.93 23.69
N SER D 95 -3.48 -3.81 24.11
CA SER D 95 -3.27 -3.32 25.50
C SER D 95 -3.63 -4.43 26.48
N LEU D 96 -4.71 -5.15 26.23
CA LEU D 96 -5.16 -6.20 27.18
C LEU D 96 -4.07 -7.27 27.24
N THR D 97 -3.53 -7.67 26.09
CA THR D 97 -2.51 -8.76 26.07
C THR D 97 -1.25 -8.31 26.79
N LEU D 98 -0.78 -7.08 26.55
CA LEU D 98 0.40 -6.56 27.28
C LEU D 98 0.10 -6.55 28.78
N ALA D 99 -0.89 -5.77 29.22
CA ALA D 99 -1.26 -5.70 30.65
C ALA D 99 -1.37 -7.11 31.22
N ASP D 100 -2.02 -8.02 30.49
CA ASP D 100 -2.18 -9.41 30.98
C ASP D 100 -0.81 -10.06 31.13
N LEU D 101 0.08 -9.86 30.15
CA LEU D 101 1.41 -10.53 30.18
C LEU D 101 2.16 -10.07 31.43
N LEU D 102 2.09 -8.77 31.74
CA LEU D 102 2.82 -8.25 32.92
C LEU D 102 2.38 -9.02 34.16
N LEU D 103 1.07 -9.23 34.33
CA LEU D 103 0.60 -10.05 35.48
C LEU D 103 1.26 -11.42 35.38
N LEU D 104 1.24 -12.04 34.19
CA LEU D 104 1.81 -13.41 34.02
C LEU D 104 3.33 -13.36 34.28
N LEU D 105 4.02 -12.36 33.74
CA LEU D 105 5.51 -12.27 33.90
C LEU D 105 5.84 -11.87 35.33
N LEU D 106 4.86 -11.36 36.09
CA LEU D 106 5.09 -11.04 37.51
C LEU D 106 4.48 -12.17 38.36
N LEU D 107 3.85 -13.15 37.71
CA LEU D 107 3.28 -14.30 38.45
C LEU D 107 4.42 -15.10 39.10
N PRO D 108 5.57 -15.37 38.45
CA PRO D 108 6.66 -16.08 39.10
C PRO D 108 6.79 -15.66 40.58
N PHE D 109 6.91 -14.36 40.84
CA PHE D 109 7.11 -13.90 42.23
C PHE D 109 5.95 -14.37 43.10
N LYS D 110 4.72 -14.21 42.60
CA LYS D 110 3.53 -14.66 43.37
C LYS D 110 3.66 -16.16 43.63
N ILE D 111 4.10 -16.93 42.63
CA ILE D 111 4.23 -18.40 42.77
C ILE D 111 5.20 -18.71 43.91
N ILE D 112 6.41 -18.13 43.86
CA ILE D 112 7.45 -18.41 44.90
C ILE D 112 6.95 -17.88 46.25
N GLU D 113 6.24 -16.76 46.25
CA GLU D 113 5.75 -16.15 47.52
C GLU D 113 4.86 -17.16 48.24
N ALA D 114 3.87 -17.71 47.53
CA ALA D 114 2.98 -18.72 48.13
C ALA D 114 3.74 -20.04 48.28
N ALA D 115 4.65 -20.33 47.34
CA ALA D 115 5.46 -21.56 47.42
C ALA D 115 6.22 -21.57 48.75
N SER D 116 6.73 -20.41 49.17
CA SER D 116 7.42 -20.32 50.48
C SER D 116 6.37 -20.06 51.57
N ASN D 117 5.17 -20.65 51.41
CA ASN D 117 4.09 -20.45 52.40
C ASN D 117 4.06 -18.98 52.85
N PHE D 118 4.12 -18.05 51.90
CA PHE D 118 4.04 -16.60 52.23
C PHE D 118 5.12 -16.24 53.25
N ARG D 119 6.37 -16.65 52.99
CA ARG D 119 7.50 -16.34 53.91
C ARG D 119 8.81 -16.48 53.15
N TRP D 120 9.94 -16.61 53.85
CA TRP D 120 11.26 -16.82 53.18
C TRP D 120 11.37 -15.93 51.94
N TYR D 121 11.29 -14.61 52.11
CA TYR D 121 11.32 -13.69 50.96
C TYR D 121 12.55 -12.78 51.07
N LEU D 122 13.68 -13.22 50.52
CA LEU D 122 14.94 -12.43 50.60
C LEU D 122 14.75 -11.06 49.94
N PRO D 123 14.16 -10.93 48.73
CA PRO D 123 13.88 -9.62 48.15
C PRO D 123 13.02 -8.81 49.11
N LYS D 124 13.20 -7.49 49.15
CA LYS D 124 12.42 -6.62 50.06
C LYS D 124 11.56 -5.66 49.23
N VAL D 125 12.16 -4.59 48.74
CA VAL D 125 11.39 -3.56 47.99
C VAL D 125 10.60 -4.27 46.89
N VAL D 126 11.10 -5.41 46.41
CA VAL D 126 10.41 -6.16 45.33
C VAL D 126 8.93 -6.28 45.72
N CYS D 127 8.65 -6.51 47.00
CA CYS D 127 7.25 -6.73 47.44
C CYS D 127 6.40 -5.48 47.17
N ALA D 128 7.01 -4.34 46.89
CA ALA D 128 6.23 -3.14 46.54
C ALA D 128 6.52 -2.78 45.08
N LEU D 129 7.28 -3.62 44.39
CA LEU D 129 7.56 -3.39 42.95
C LEU D 129 6.84 -4.47 42.15
N THR D 130 6.57 -5.61 42.78
CA THR D 130 5.83 -6.70 42.09
C THR D 130 4.34 -6.57 42.43
N SER D 131 4.02 -6.23 43.67
CA SER D 131 2.59 -6.02 44.03
C SER D 131 2.02 -4.91 43.15
N PHE D 132 2.74 -3.80 42.99
CA PHE D 132 2.24 -2.66 42.19
C PHE D 132 2.12 -3.08 40.73
N GLY D 133 2.59 -4.29 40.40
CA GLY D 133 2.46 -4.80 39.02
C GLY D 133 1.36 -5.82 38.92
N PHE D 134 1.06 -6.50 40.02
CA PHE D 134 -0.03 -7.50 40.01
C PHE D 134 -1.34 -6.81 40.40
N TYR D 135 -1.32 -5.93 41.41
CA TYR D 135 -2.59 -5.29 41.88
C TYR D 135 -2.86 -4.03 41.07
N SER D 136 -2.18 -3.85 39.94
CA SER D 136 -2.43 -2.70 39.04
C SER D 136 -2.82 -3.25 37.68
N SER D 137 -2.14 -4.30 37.23
CA SER D 137 -2.54 -4.95 35.96
C SER D 137 -3.97 -5.45 36.10
N ILE D 138 -4.34 -5.91 37.30
CA ILE D 138 -5.74 -6.35 37.53
C ILE D 138 -6.68 -5.16 37.28
N TYR D 139 -6.33 -3.97 37.75
CA TYR D 139 -7.24 -2.80 37.58
C TYR D 139 -7.10 -2.19 36.19
N CYS D 140 -5.97 -2.41 35.51
CA CYS D 140 -5.84 -1.92 34.11
C CYS D 140 -6.66 -2.82 33.20
N SER D 141 -6.70 -4.13 33.47
CA SER D 141 -7.55 -5.03 32.65
C SER D 141 -9.02 -4.69 32.91
N THR D 142 -9.40 -4.45 34.16
CA THR D 142 -10.82 -4.17 34.48
C THR D 142 -11.27 -2.98 33.66
N TRP D 143 -10.34 -2.14 33.23
CA TRP D 143 -10.71 -0.90 32.50
C TRP D 143 -10.62 -1.12 30.98
N LEU D 144 -9.59 -1.82 30.50
CA LEU D 144 -9.51 -2.13 29.05
C LEU D 144 -10.70 -3.02 28.67
N LEU D 145 -10.99 -4.08 29.42
CA LEU D 145 -12.15 -4.98 29.14
C LEU D 145 -13.44 -4.17 29.19
N ALA D 146 -13.49 -3.12 30.00
CA ALA D 146 -14.68 -2.24 30.02
C ALA D 146 -14.59 -1.26 28.87
N GLY D 147 -13.50 -1.31 28.10
CA GLY D 147 -13.37 -0.47 26.90
C GLY D 147 -13.43 -1.32 25.65
N ILE D 148 -13.33 -2.63 25.80
CA ILE D 148 -13.55 -3.54 24.65
C ILE D 148 -15.03 -3.90 24.73
N SER D 149 -15.82 -3.09 25.43
CA SER D 149 -17.26 -3.34 25.60
C SER D 149 -18.06 -2.14 25.10
N ILE D 150 -17.44 -0.96 25.08
CA ILE D 150 -18.10 0.24 24.48
C ILE D 150 -17.80 0.16 22.99
N GLU D 151 -16.72 -0.52 22.61
CA GLU D 151 -16.40 -0.74 21.17
C GLU D 151 -17.41 -1.73 20.61
N ARG D 152 -17.91 -2.65 21.44
CA ARG D 152 -18.83 -3.70 20.97
C ARG D 152 -20.28 -3.21 21.05
N TYR D 153 -20.57 -2.09 21.72
CA TYR D 153 -21.95 -1.57 21.70
C TYR D 153 -22.01 -0.51 20.61
N LEU D 154 -20.94 0.27 20.48
CA LEU D 154 -20.89 1.32 19.43
C LEU D 154 -20.56 0.66 18.09
N GLY D 155 -20.60 -0.66 18.01
CA GLY D 155 -20.30 -1.38 16.75
C GLY D 155 -21.39 -2.37 16.41
N VAL D 156 -22.51 -2.32 17.13
CA VAL D 156 -23.68 -3.21 16.87
C VAL D 156 -24.92 -2.32 16.97
N ALA D 157 -24.82 -1.20 17.67
CA ALA D 157 -25.95 -0.24 17.75
C ALA D 157 -25.84 0.73 16.59
N PHE D 158 -24.62 1.16 16.27
CA PHE D 158 -24.39 2.07 15.11
C PHE D 158 -23.39 1.36 14.20
N PRO D 159 -23.80 0.36 13.38
CA PRO D 159 -22.85 -0.44 12.63
C PRO D 159 -22.07 0.33 11.55
N VAL D 160 -22.77 1.08 10.69
CA VAL D 160 -22.12 1.82 9.57
C VAL D 160 -21.44 3.07 10.11
N GLN D 161 -22.13 3.90 10.91
CA GLN D 161 -21.57 5.19 11.38
C GLN D 161 -20.37 4.95 12.29
N TYR D 162 -19.99 3.69 12.53
CA TYR D 162 -18.79 3.38 13.33
C TYR D 162 -17.67 2.90 12.42
N LYS D 163 -17.98 2.13 11.38
CA LYS D 163 -16.93 1.73 10.41
C LYS D 163 -16.46 2.97 9.68
N LEU D 164 -17.30 4.00 9.63
CA LEU D 164 -16.96 5.23 8.86
C LEU D 164 -16.49 6.35 9.81
N SER D 165 -16.38 6.09 11.12
CA SER D 165 -15.86 7.12 12.06
C SER D 165 -15.02 6.47 13.16
N ARG D 166 -14.30 5.39 12.84
CA ARG D 166 -13.41 4.74 13.83
C ARG D 166 -11.97 5.14 13.51
N ARG D 167 -11.41 6.09 14.26
CA ARG D 167 -10.00 6.51 14.05
C ARG D 167 -9.15 5.86 15.13
N PRO D 168 -7.96 5.31 14.81
CA PRO D 168 -7.15 4.62 15.81
C PRO D 168 -7.03 5.41 17.12
N LEU D 169 -7.03 6.73 17.05
CA LEU D 169 -6.87 7.55 18.27
C LEU D 169 -7.93 7.15 19.28
N TYR D 170 -9.19 7.02 18.86
CA TYR D 170 -10.28 6.76 19.82
C TYR D 170 -9.95 5.53 20.67
N GLY D 171 -9.01 4.70 20.23
CA GLY D 171 -8.60 3.51 20.99
C GLY D 171 -7.38 3.80 21.84
N VAL D 172 -6.61 4.83 21.50
CA VAL D 172 -5.46 5.24 22.36
C VAL D 172 -5.99 6.09 23.51
N ILE D 173 -6.97 6.96 23.26
CA ILE D 173 -7.58 7.75 24.37
C ILE D 173 -8.10 6.75 25.40
N ALA D 174 -8.70 5.65 24.96
CA ALA D 174 -9.29 4.65 25.89
C ALA D 174 -8.19 3.82 26.56
N ALA D 175 -7.14 3.47 25.81
CA ALA D 175 -6.06 2.63 26.38
C ALA D 175 -5.30 3.45 27.42
N LEU D 176 -5.34 4.78 27.32
CA LEU D 176 -4.69 5.63 28.34
C LEU D 176 -5.63 5.79 29.53
N VAL D 177 -6.89 6.13 29.31
CA VAL D 177 -7.78 6.35 30.48
C VAL D 177 -7.76 5.08 31.34
N ALA D 178 -7.51 3.92 30.74
CA ALA D 178 -7.38 2.68 31.53
C ALA D 178 -6.06 2.69 32.30
N TRP D 179 -4.94 2.91 31.61
CA TRP D 179 -3.61 2.93 32.26
C TRP D 179 -3.50 4.10 33.25
N VAL D 180 -3.85 5.31 32.84
CA VAL D 180 -3.74 6.51 33.72
C VAL D 180 -4.59 6.29 34.97
N MET D 181 -5.76 5.66 34.84
CA MET D 181 -6.66 5.50 36.01
C MET D 181 -6.38 4.16 36.70
N SER D 182 -5.37 3.41 36.28
CA SER D 182 -5.02 2.14 36.95
C SER D 182 -3.62 2.23 37.56
N PHE D 183 -2.59 2.27 36.72
CA PHE D 183 -1.20 2.40 37.22
C PHE D 183 -1.07 3.70 38.00
N GLY D 184 -1.75 4.76 37.57
CA GLY D 184 -1.72 6.04 38.29
C GLY D 184 -2.35 5.94 39.66
N HIS D 185 -3.56 5.40 39.75
CA HIS D 185 -4.28 5.34 41.05
C HIS D 185 -3.54 4.44 42.03
N CYS D 186 -2.72 3.52 41.54
CA CYS D 186 -1.89 2.66 42.44
C CYS D 186 -0.57 3.36 42.74
N THR D 187 0.06 4.00 41.75
CA THR D 187 1.31 4.77 41.98
C THR D 187 1.10 5.78 43.10
N ILE D 188 0.12 6.67 42.96
CA ILE D 188 -0.19 7.66 44.03
C ILE D 188 -0.12 6.95 45.38
N VAL D 189 -0.78 5.79 45.51
CA VAL D 189 -0.86 5.08 46.82
C VAL D 189 0.56 4.69 47.29
N ILE D 190 1.33 4.02 46.44
CA ILE D 190 2.67 3.52 46.88
C ILE D 190 3.56 4.72 47.20
N ILE D 191 3.44 5.80 46.43
CA ILE D 191 4.25 7.03 46.71
C ILE D 191 3.79 7.63 48.04
N VAL D 192 2.48 7.72 48.25
CA VAL D 192 1.95 8.34 49.52
C VAL D 192 2.52 7.55 50.69
N GLN D 193 2.51 6.21 50.61
CA GLN D 193 2.97 5.42 51.78
C GLN D 193 4.45 5.72 52.00
N TYR D 194 5.21 5.87 50.90
CA TYR D 194 6.66 6.17 51.02
C TYR D 194 6.85 7.53 51.68
N LEU D 195 6.02 8.51 51.31
CA LEU D 195 6.12 9.86 51.93
C LEU D 195 5.92 9.71 53.44
N ASN D 196 4.85 9.03 53.85
CA ASN D 196 4.60 8.79 55.30
C ASN D 196 5.72 7.92 55.87
N THR D 197 6.20 6.94 55.10
CA THR D 197 7.29 6.03 55.56
C THR D 197 6.91 5.42 56.92
N THR D 208 3.48 -9.11 56.19
CA THR D 208 4.56 -9.72 55.37
C THR D 208 4.66 -8.98 54.04
N CYS D 209 3.98 -9.46 52.99
CA CYS D 209 4.10 -8.83 51.65
C CYS D 209 2.89 -7.93 51.39
N TYR D 210 2.96 -6.67 51.82
CA TYR D 210 1.83 -5.72 51.61
C TYR D 210 0.49 -6.39 51.90
N GLU D 211 0.44 -7.18 52.97
CA GLU D 211 -0.81 -7.89 53.33
C GLU D 211 -1.07 -7.79 54.83
N ASN D 212 -0.23 -8.43 55.65
CA ASN D 212 -0.37 -8.32 57.12
C ASN D 212 -0.03 -6.88 57.52
N PHE D 213 -0.96 -6.17 58.16
CA PHE D 213 -0.72 -4.74 58.48
C PHE D 213 -1.04 -4.44 59.94
N THR D 214 -0.57 -3.30 60.44
CA THR D 214 -0.88 -2.88 61.84
C THR D 214 -2.24 -2.17 61.84
N ASP D 215 -2.90 -2.11 62.99
CA ASP D 215 -4.19 -1.38 63.08
C ASP D 215 -3.96 0.04 62.59
N ASN D 216 -2.81 0.63 62.93
CA ASN D 216 -2.48 2.00 62.46
C ASN D 216 -2.47 2.00 60.93
N GLN D 217 -1.91 0.95 60.32
CA GLN D 217 -1.93 0.88 58.84
C GLN D 217 -3.36 0.57 58.37
N LEU D 218 -4.06 -0.34 59.05
CA LEU D 218 -5.42 -0.74 58.60
C LEU D 218 -6.31 0.50 58.63
N ASP D 219 -5.94 1.51 59.42
CA ASP D 219 -6.72 2.76 59.49
C ASP D 219 -6.61 3.49 58.15
N VAL D 220 -5.56 3.20 57.38
CA VAL D 220 -5.38 3.85 56.04
C VAL D 220 -5.63 2.82 54.94
N VAL D 221 -5.15 1.59 55.11
CA VAL D 221 -5.26 0.60 53.99
C VAL D 221 -6.73 0.29 53.70
N LEU D 222 -7.52 -0.03 54.72
CA LEU D 222 -8.93 -0.45 54.46
C LEU D 222 -9.67 0.65 53.66
N PRO D 223 -9.72 1.93 54.11
CA PRO D 223 -10.48 2.96 53.38
C PRO D 223 -10.02 3.15 51.93
N VAL D 224 -8.71 3.20 51.69
CA VAL D 224 -8.19 3.45 50.31
C VAL D 224 -8.66 2.29 49.43
N ARG D 225 -8.80 1.11 50.02
CA ARG D 225 -9.26 -0.07 49.25
C ARG D 225 -10.67 0.22 48.75
N LEU D 226 -11.50 0.90 49.54
CA LEU D 226 -12.90 1.13 49.12
C LEU D 226 -12.91 1.90 47.81
N GLU D 227 -12.06 2.93 47.69
CA GLU D 227 -12.05 3.76 46.46
C GLU D 227 -11.62 2.87 45.29
N LEU D 228 -10.59 2.05 45.49
CA LEU D 228 -10.09 1.18 44.40
C LEU D 228 -11.17 0.16 44.02
N CYS D 229 -12.28 0.10 44.77
CA CYS D 229 -13.40 -0.83 44.44
C CYS D 229 -14.59 -0.05 43.88
N LEU D 230 -14.76 1.22 44.27
CA LEU D 230 -15.96 1.99 43.84
C LEU D 230 -15.58 2.98 42.73
N VAL D 231 -14.34 2.96 42.26
CA VAL D 231 -13.90 3.96 41.24
C VAL D 231 -13.13 3.25 40.15
N LEU D 232 -12.52 2.10 40.47
CA LEU D 232 -11.73 1.35 39.46
C LEU D 232 -12.43 0.03 39.16
N PHE D 233 -13.53 -0.30 39.84
CA PHE D 233 -14.30 -1.51 39.48
C PHE D 233 -15.76 -1.13 39.27
N PHE D 234 -16.35 -0.30 40.15
CA PHE D 234 -17.80 -0.04 39.97
C PHE D 234 -18.04 0.85 38.75
N ILE D 235 -17.06 1.62 38.27
CA ILE D 235 -17.26 2.39 37.01
C ILE D 235 -17.03 1.43 35.84
N PRO D 236 -15.89 0.72 35.73
CA PRO D 236 -15.72 -0.26 34.67
C PRO D 236 -16.81 -1.33 34.64
N MET D 237 -17.23 -1.87 35.78
CA MET D 237 -18.25 -2.96 35.73
C MET D 237 -19.56 -2.40 35.19
N ALA D 238 -19.95 -1.21 35.64
CA ALA D 238 -21.22 -0.60 35.17
C ALA D 238 -21.19 -0.51 33.63
N VAL D 239 -20.13 0.04 33.05
CA VAL D 239 -20.12 0.23 31.57
C VAL D 239 -20.10 -1.13 30.89
N THR D 240 -19.41 -2.14 31.43
CA THR D 240 -19.46 -3.48 30.80
C THR D 240 -20.87 -4.05 30.86
N ILE D 241 -21.56 -3.97 32.00
CA ILE D 241 -22.91 -4.58 32.10
C ILE D 241 -23.88 -3.83 31.17
N PHE D 242 -23.91 -2.50 31.19
CA PHE D 242 -24.78 -1.74 30.26
C PHE D 242 -24.44 -2.08 28.81
N CYS D 243 -23.17 -1.98 28.43
CA CYS D 243 -22.76 -2.23 27.03
C CYS D 243 -23.01 -3.69 26.63
N TYR D 244 -22.69 -4.66 27.48
CA TYR D 244 -22.86 -6.09 27.07
C TYR D 244 -24.29 -6.52 27.34
N TRP D 245 -25.17 -5.57 27.67
CA TRP D 245 -26.61 -5.87 27.78
C TRP D 245 -27.21 -5.45 26.45
N ARG D 246 -26.82 -4.26 25.98
CA ARG D 246 -27.30 -3.80 24.65
C ARG D 246 -26.75 -4.71 23.55
N PHE D 247 -25.44 -4.96 23.46
CA PHE D 247 -24.95 -5.92 22.44
C PHE D 247 -25.88 -7.14 22.43
N VAL D 248 -26.11 -7.77 23.57
CA VAL D 248 -26.95 -9.00 23.60
C VAL D 248 -28.34 -8.65 23.08
N TRP D 249 -28.96 -7.60 23.63
CA TRP D 249 -30.35 -7.26 23.22
C TRP D 249 -30.40 -6.96 21.72
N ILE D 250 -29.50 -6.12 21.21
CA ILE D 250 -29.52 -5.73 19.77
C ILE D 250 -29.23 -6.95 18.90
N MET D 251 -28.16 -7.69 19.21
CA MET D 251 -27.76 -8.84 18.34
C MET D 251 -28.81 -9.95 18.44
N LEU D 252 -29.86 -9.75 19.26
CA LEU D 252 -30.97 -10.74 19.31
C LEU D 252 -32.13 -10.16 18.50
N SER D 253 -32.43 -8.87 18.71
CA SER D 253 -33.54 -8.21 17.98
C SER D 253 -33.30 -8.29 16.47
N GLN D 254 -32.09 -7.93 16.03
CA GLN D 254 -31.78 -7.95 14.58
C GLN D 254 -32.51 -9.14 13.96
N PRO D 255 -33.49 -8.91 13.04
CA PRO D 255 -34.28 -10.00 12.49
C PRO D 255 -33.36 -10.99 11.75
N LEU D 256 -32.37 -10.47 11.02
CA LEU D 256 -31.39 -11.36 10.33
C LEU D 256 -30.57 -12.11 11.38
N GLY D 258 -30.93 -14.58 11.96
CA GLY D 258 -29.66 -15.33 11.96
C GLY D 258 -28.90 -15.15 10.66
N ALA D 259 -27.63 -14.77 10.74
CA ALA D 259 -26.81 -14.59 9.51
C ALA D 259 -25.49 -15.35 9.65
N GLN D 260 -24.60 -14.88 10.54
CA GLN D 260 -23.32 -15.58 10.78
C GLN D 260 -23.23 -15.94 12.26
N ARG D 261 -23.83 -17.06 12.66
CA ARG D 261 -23.71 -17.52 14.06
C ARG D 261 -23.97 -16.35 15.02
N ARG D 262 -25.09 -15.66 14.86
CA ARG D 262 -25.43 -14.59 15.83
C ARG D 262 -25.49 -15.20 17.24
N ARG D 263 -25.86 -16.48 17.34
CA ARG D 263 -25.88 -17.15 18.67
C ARG D 263 -24.47 -17.17 19.25
N ARG D 264 -23.49 -17.59 18.45
CA ARG D 264 -22.08 -17.60 18.92
C ARG D 264 -21.67 -16.19 19.32
N ALA D 265 -22.54 -15.19 19.09
CA ALA D 265 -22.22 -13.82 19.55
C ALA D 265 -22.97 -13.45 20.83
N VAL D 266 -24.28 -13.59 20.82
CA VAL D 266 -25.07 -13.31 22.06
C VAL D 266 -24.60 -14.29 23.14
N GLY D 267 -23.82 -15.31 22.76
CA GLY D 267 -23.30 -16.28 23.73
C GLY D 267 -21.90 -15.92 24.19
N LEU D 268 -20.99 -15.68 23.25
CA LEU D 268 -19.59 -15.32 23.60
C LEU D 268 -19.60 -13.98 24.35
N ALA D 269 -20.57 -13.10 24.10
CA ALA D 269 -20.67 -11.86 24.89
C ALA D 269 -21.01 -12.21 26.33
N VAL D 270 -21.99 -13.08 26.55
CA VAL D 270 -22.41 -13.40 27.94
C VAL D 270 -21.23 -14.03 28.68
N VAL D 271 -20.48 -14.91 28.03
CA VAL D 271 -19.27 -15.47 28.70
C VAL D 271 -18.36 -14.30 29.08
N THR D 272 -18.12 -13.36 28.17
CA THR D 272 -17.16 -12.25 28.45
C THR D 272 -17.66 -11.41 29.63
N LEU D 273 -18.96 -11.11 29.73
CA LEU D 273 -19.44 -10.37 30.92
C LEU D 273 -19.23 -11.27 32.14
N LEU D 274 -19.75 -12.50 32.13
CA LEU D 274 -19.65 -13.38 33.32
C LEU D 274 -18.18 -13.58 33.69
N ASN D 275 -17.32 -13.90 32.72
CA ASN D 275 -15.87 -14.01 33.00
C ASN D 275 -15.43 -12.79 33.82
N PHE D 276 -15.62 -11.58 33.28
CA PHE D 276 -15.23 -10.33 33.98
C PHE D 276 -15.85 -10.29 35.38
N LEU D 277 -17.14 -10.58 35.51
CA LEU D 277 -17.80 -10.45 36.84
C LEU D 277 -17.38 -11.57 37.79
N VAL D 278 -16.80 -12.67 37.30
CA VAL D 278 -16.43 -13.84 38.16
C VAL D 278 -14.91 -13.90 38.32
N CYS D 279 -14.17 -13.13 37.53
CA CYS D 279 -12.69 -13.08 37.68
C CYS D 279 -12.31 -11.79 38.40
N PHE D 280 -12.63 -10.63 37.82
CA PHE D 280 -12.20 -9.34 38.42
C PHE D 280 -13.25 -8.87 39.41
N GLY D 281 -14.13 -9.75 39.86
CA GLY D 281 -15.23 -9.35 40.76
C GLY D 281 -15.02 -9.86 42.17
N PRO D 282 -14.68 -11.15 42.41
CA PRO D 282 -14.55 -11.64 43.76
C PRO D 282 -13.53 -10.80 44.55
N TYR D 283 -12.37 -10.54 43.96
CA TYR D 283 -11.31 -9.76 44.65
C TYR D 283 -11.83 -8.39 45.06
N ASN D 284 -12.45 -7.66 44.13
CA ASN D 284 -12.90 -6.27 44.43
C ASN D 284 -14.06 -6.28 45.42
N VAL D 285 -14.75 -7.41 45.57
CA VAL D 285 -15.84 -7.50 46.58
C VAL D 285 -15.19 -7.59 47.96
N SER D 286 -13.92 -8.00 48.03
CA SER D 286 -13.21 -8.15 49.33
C SER D 286 -12.96 -6.78 49.95
N HIS D 287 -12.44 -5.84 49.16
CA HIS D 287 -12.21 -4.46 49.67
C HIS D 287 -13.43 -4.05 50.48
N LEU D 288 -14.63 -4.26 49.95
CA LEU D 288 -15.89 -3.86 50.64
C LEU D 288 -16.05 -4.69 51.91
N VAL D 289 -15.97 -6.02 51.79
CA VAL D 289 -16.15 -6.91 52.97
C VAL D 289 -15.17 -6.44 54.05
N GLY D 290 -13.95 -6.12 53.64
CA GLY D 290 -12.93 -5.64 54.60
C GLY D 290 -13.38 -4.39 55.32
N TYR D 291 -13.92 -3.42 54.58
CA TYR D 291 -14.30 -2.14 55.22
C TYR D 291 -15.35 -2.43 56.28
N HIS D 292 -16.32 -3.28 55.93
CA HIS D 292 -17.41 -3.63 56.89
C HIS D 292 -16.85 -4.46 58.05
N GLN D 293 -16.01 -5.45 57.74
CA GLN D 293 -15.47 -6.35 58.80
C GLN D 293 -14.25 -5.70 59.46
N ARG D 294 -13.98 -4.44 59.13
CA ARG D 294 -12.84 -3.70 59.76
C ARG D 294 -11.65 -4.64 59.84
N LYS D 295 -11.29 -5.28 58.74
CA LYS D 295 -10.17 -6.25 58.73
C LYS D 295 -9.75 -6.50 57.28
N SER D 296 -8.59 -7.12 57.07
CA SER D 296 -8.21 -7.50 55.68
C SER D 296 -8.59 -8.95 55.46
N PRO D 297 -9.66 -9.27 54.72
CA PRO D 297 -10.11 -10.65 54.59
C PRO D 297 -8.98 -11.55 54.08
N TRP D 298 -8.78 -12.71 54.73
CA TRP D 298 -7.73 -13.65 54.28
C TRP D 298 -8.04 -14.09 52.85
N TRP D 299 -9.34 -14.25 52.55
CA TRP D 299 -9.70 -14.78 51.21
C TRP D 299 -9.20 -13.84 50.13
N ARG D 300 -8.68 -12.68 50.52
CA ARG D 300 -8.06 -11.80 49.50
C ARG D 300 -7.03 -12.61 48.73
N SER D 301 -6.36 -13.53 49.41
CA SER D 301 -5.26 -14.32 48.77
C SER D 301 -5.82 -15.21 47.67
N ILE D 302 -7.02 -15.77 47.87
CA ILE D 302 -7.62 -16.72 46.88
C ILE D 302 -8.35 -15.90 45.80
N ALA D 303 -8.87 -14.73 46.17
CA ALA D 303 -9.63 -13.91 45.21
C ALA D 303 -8.72 -13.48 44.07
N VAL D 304 -7.50 -13.06 44.39
CA VAL D 304 -6.55 -12.58 43.35
C VAL D 304 -6.18 -13.74 42.42
N VAL D 305 -6.37 -14.99 42.88
CA VAL D 305 -6.11 -16.17 41.99
C VAL D 305 -7.09 -16.08 40.81
N PHE D 306 -8.35 -15.78 41.11
CA PHE D 306 -9.38 -15.64 40.03
C PHE D 306 -9.05 -14.39 39.19
N SER D 307 -8.62 -13.31 39.82
CA SER D 307 -8.34 -12.05 39.07
C SER D 307 -7.24 -12.30 38.05
N SER D 308 -6.40 -13.31 38.31
CA SER D 308 -5.30 -13.62 37.39
C SER D 308 -5.80 -14.61 36.33
N LEU D 309 -6.75 -15.47 36.67
CA LEU D 309 -7.31 -16.40 35.64
C LEU D 309 -7.71 -15.60 34.41
N ASN D 310 -8.08 -14.33 34.58
CA ASN D 310 -8.57 -13.53 33.43
C ASN D 310 -7.37 -12.97 32.67
N ALA D 311 -6.19 -13.56 32.86
CA ALA D 311 -5.02 -13.16 32.05
C ALA D 311 -4.72 -14.30 31.08
N SER D 312 -5.31 -15.47 31.34
CA SER D 312 -5.12 -16.66 30.48
C SER D 312 -6.42 -16.98 29.75
N LEU D 313 -7.55 -16.45 30.24
CA LEU D 313 -8.86 -16.72 29.61
C LEU D 313 -9.14 -15.67 28.53
N ASP D 314 -8.52 -14.48 28.64
CA ASP D 314 -8.74 -13.40 27.66
C ASP D 314 -8.15 -13.76 26.29
N PRO D 315 -6.91 -14.29 26.17
CA PRO D 315 -6.41 -14.69 24.86
C PRO D 315 -7.41 -15.62 24.16
N LEU D 316 -7.98 -16.57 24.90
CA LEU D 316 -8.91 -17.56 24.30
C LEU D 316 -10.19 -16.88 23.82
N LEU D 317 -10.77 -15.99 24.61
CA LEU D 317 -12.09 -15.38 24.27
C LEU D 317 -11.94 -14.27 23.23
N PHE D 318 -10.73 -13.76 22.99
CA PHE D 318 -10.60 -12.60 22.08
C PHE D 318 -9.71 -12.94 20.87
N TYR D 319 -8.73 -13.82 21.04
CA TYR D 319 -7.80 -14.10 19.92
C TYR D 319 -8.11 -15.45 19.28
N PHE D 320 -7.70 -16.54 19.92
CA PHE D 320 -7.89 -17.89 19.32
C PHE D 320 -9.30 -17.99 18.74
N SER D 321 -9.40 -18.32 17.45
CA SER D 321 -10.72 -18.47 16.78
C SER D 321 -11.24 -19.90 16.97
N SER D 322 -12.43 -20.05 17.56
CA SER D 322 -12.99 -21.40 17.83
C SER D 322 -12.79 -22.28 16.60
N THR E 6 -17.78 -14.74 -46.03
CA THR E 6 -18.25 -14.64 -44.62
C THR E 6 -17.08 -14.24 -43.72
N ALA E 7 -17.32 -13.38 -42.73
CA ALA E 7 -16.26 -12.99 -41.78
C ALA E 7 -15.57 -14.26 -41.25
N SER E 8 -16.35 -15.30 -40.94
CA SER E 8 -15.79 -16.56 -40.43
C SER E 8 -14.65 -17.04 -41.34
N ILE E 9 -14.93 -17.24 -42.63
CA ILE E 9 -13.85 -17.80 -43.51
C ILE E 9 -12.66 -16.83 -43.51
N ALA E 10 -12.93 -15.53 -43.54
CA ALA E 10 -11.82 -14.54 -43.50
C ALA E 10 -11.00 -14.77 -42.22
N GLN E 11 -11.68 -14.90 -41.08
CA GLN E 11 -10.97 -15.11 -39.80
C GLN E 11 -10.14 -16.39 -39.88
N ALA E 12 -10.76 -17.49 -40.33
CA ALA E 12 -10.03 -18.77 -40.45
C ALA E 12 -8.90 -18.62 -41.48
N ARG E 13 -9.14 -17.88 -42.55
CA ARG E 13 -8.07 -17.62 -43.54
C ARG E 13 -6.88 -17.02 -42.79
N LYS E 14 -7.10 -15.97 -42.00
CA LYS E 14 -6.01 -15.35 -41.21
C LYS E 14 -5.28 -16.43 -40.43
N LEU E 15 -6.01 -17.22 -39.64
CA LEU E 15 -5.35 -18.29 -38.84
C LEU E 15 -4.40 -19.07 -39.74
N VAL E 16 -4.90 -19.62 -40.85
CA VAL E 16 -4.04 -20.46 -41.74
C VAL E 16 -2.75 -19.69 -42.04
N GLU E 17 -2.89 -18.48 -42.55
CA GLU E 17 -1.70 -17.64 -42.87
C GLU E 17 -0.78 -17.58 -41.64
N GLN E 18 -1.32 -17.18 -40.49
CA GLN E 18 -0.49 -17.07 -39.27
C GLN E 18 0.14 -18.43 -38.97
N LEU E 19 -0.69 -19.47 -38.88
CA LEU E 19 -0.17 -20.82 -38.55
C LEU E 19 0.97 -21.15 -39.50
N LYS E 20 0.80 -20.85 -40.79
CA LYS E 20 1.86 -21.13 -41.79
C LYS E 20 3.15 -20.43 -41.34
N MET E 21 3.08 -19.13 -41.09
CA MET E 21 4.27 -18.37 -40.65
C MET E 21 4.92 -19.12 -39.48
N GLU E 22 4.15 -19.38 -38.41
CA GLU E 22 4.71 -20.05 -37.22
C GLU E 22 5.39 -21.35 -37.63
N ALA E 23 4.79 -22.11 -38.53
CA ALA E 23 5.35 -23.43 -38.92
C ALA E 23 6.71 -23.22 -39.58
N ASN E 24 6.79 -22.35 -40.59
CA ASN E 24 8.06 -22.18 -41.34
C ASN E 24 9.03 -21.31 -40.54
N ILE E 25 9.64 -21.87 -39.49
CA ILE E 25 10.59 -21.10 -38.62
C ILE E 25 11.77 -22.03 -38.33
N ASP E 26 12.98 -21.51 -38.44
CA ASP E 26 14.18 -22.37 -38.22
C ASP E 26 14.37 -22.61 -36.73
N ARG E 27 13.87 -23.74 -36.23
CA ARG E 27 14.05 -24.08 -34.79
C ARG E 27 15.39 -24.79 -34.63
N ILE E 28 16.06 -24.60 -33.49
CA ILE E 28 17.34 -25.32 -33.20
C ILE E 28 17.01 -26.35 -32.11
N LYS E 29 17.86 -27.36 -31.92
CA LYS E 29 17.65 -28.35 -30.85
C LYS E 29 17.58 -27.78 -29.43
N VAL E 30 16.83 -28.41 -28.53
CA VAL E 30 16.66 -27.89 -27.14
C VAL E 30 18.08 -27.95 -26.58
N SER E 31 18.78 -29.06 -26.79
CA SER E 31 20.18 -29.20 -26.32
C SER E 31 21.04 -27.95 -26.50
N LYS E 32 20.86 -27.25 -27.63
CA LYS E 32 21.68 -26.04 -27.91
C LYS E 32 21.06 -24.95 -27.05
N ALA E 33 19.77 -24.66 -27.23
CA ALA E 33 19.11 -23.57 -26.46
C ALA E 33 19.46 -23.72 -24.99
N ALA E 34 19.22 -24.92 -24.43
CA ALA E 34 19.47 -25.14 -23.00
C ALA E 34 20.90 -24.75 -22.67
N ALA E 35 21.86 -25.32 -23.38
CA ALA E 35 23.28 -25.02 -23.12
C ALA E 35 23.48 -23.51 -23.12
N ASP E 36 22.83 -22.79 -24.04
CA ASP E 36 23.06 -21.32 -24.14
C ASP E 36 22.58 -20.67 -22.83
N LEU E 37 21.39 -21.02 -22.35
CA LEU E 37 20.88 -20.44 -21.09
C LEU E 37 21.84 -20.82 -19.96
N MET E 38 22.29 -22.08 -19.93
CA MET E 38 23.26 -22.53 -18.90
C MET E 38 24.50 -21.65 -18.99
N ALA E 39 25.02 -21.45 -20.19
CA ALA E 39 26.21 -20.59 -20.37
C ALA E 39 25.91 -19.21 -19.79
N TYR E 40 24.87 -18.54 -20.27
CA TYR E 40 24.62 -17.15 -19.79
C TYR E 40 24.65 -17.14 -18.27
N CYS E 41 23.89 -18.04 -17.64
CA CYS E 41 23.81 -18.04 -16.16
C CYS E 41 25.21 -18.18 -15.56
N GLU E 42 26.05 -19.05 -16.12
CA GLU E 42 27.39 -19.31 -15.53
C GLU E 42 28.33 -18.14 -15.83
N ALA E 43 28.20 -17.53 -17.01
CA ALA E 43 29.08 -16.41 -17.40
C ALA E 43 28.76 -15.19 -16.53
N HIS E 44 27.47 -14.90 -16.32
CA HIS E 44 27.07 -13.70 -15.57
C HIS E 44 26.79 -14.07 -14.12
N ALA E 45 27.21 -15.26 -13.69
CA ALA E 45 26.94 -15.73 -12.32
C ALA E 45 27.58 -14.98 -11.16
N LYS E 46 28.81 -14.48 -11.35
CA LYS E 46 29.55 -13.78 -10.26
C LYS E 46 28.86 -12.46 -9.93
N GLU E 47 28.00 -11.96 -10.77
CA GLU E 47 27.53 -10.55 -10.82
C GLU E 47 26.08 -10.41 -10.35
N ASP E 48 25.48 -11.53 -9.96
CA ASP E 48 24.07 -11.53 -9.50
C ASP E 48 24.05 -11.42 -7.98
N PRO E 49 23.79 -10.24 -7.41
CA PRO E 49 23.83 -10.06 -5.96
C PRO E 49 22.62 -10.65 -5.23
N LEU E 50 21.87 -11.58 -5.84
CA LEU E 50 20.78 -12.25 -5.09
C LEU E 50 21.13 -13.72 -4.97
N LEU E 51 21.80 -14.28 -5.98
CA LEU E 51 22.27 -15.69 -5.92
C LEU E 51 23.59 -15.69 -5.16
N THR E 52 24.43 -14.68 -5.37
CA THR E 52 25.74 -14.58 -4.68
C THR E 52 25.73 -13.37 -3.75
N PRO E 53 25.21 -13.46 -2.52
CA PRO E 53 25.12 -12.29 -1.63
C PRO E 53 26.39 -11.44 -1.65
N VAL E 54 26.22 -10.11 -1.60
CA VAL E 54 27.38 -9.17 -1.65
C VAL E 54 27.74 -8.75 -0.22
N PRO E 55 29.01 -8.38 0.07
CA PRO E 55 29.39 -7.89 1.40
C PRO E 55 28.48 -6.77 1.90
N ALA E 56 28.28 -6.70 3.21
CA ALA E 56 27.37 -5.68 3.78
C ALA E 56 27.68 -4.32 3.17
N SER E 57 28.96 -3.96 3.09
CA SER E 57 29.38 -2.65 2.53
C SER E 57 28.60 -2.35 1.25
N GLU E 58 28.43 -3.36 0.38
CA GLU E 58 27.75 -3.13 -0.92
C GLU E 58 26.23 -3.19 -1.02
N ASN E 59 25.55 -3.73 0.00
CA ASN E 59 24.07 -3.89 -0.04
C ASN E 59 23.68 -2.43 0.22
N PRO E 60 23.27 -1.65 -0.80
CA PRO E 60 22.99 -0.24 -0.59
C PRO E 60 21.75 -0.20 0.31
N PHE E 61 21.06 -1.33 0.43
CA PHE E 61 19.83 -1.39 1.26
C PHE E 61 20.20 -1.85 2.67
N ARG E 62 21.43 -2.33 2.88
CA ARG E 62 21.86 -2.72 4.25
C ARG E 62 21.23 -1.75 5.27
C09 9UJ F . -4.26 -2.37 46.66
C10 9UJ F . -2.33 -0.76 46.39
C11 9UJ F . -3.88 -2.21 45.01
C12 9UJ F . -0.96 -1.30 46.41
C13 9UJ F . -3.50 -1.24 48.85
C14 9UJ F . -4.15 -3.71 47.04
C15 9UJ F . -2.63 -0.30 49.70
C16 9UJ F . 0.04 -0.52 45.88
C17 9UJ F . -0.66 -2.54 46.94
C18 9UJ F . -3.30 0.35 50.70
C19 9UJ F . -1.27 -0.12 49.56
C20 9UJ F . -1.31 1.41 51.40
C21 9UJ F . 1.35 -0.98 45.89
C22 9UJ F . 0.64 -3.01 46.94
C23 9UJ F . -2.66 1.21 51.55
C24 9UJ F . -0.61 0.76 50.41
C25 9UJ F . -0.63 2.35 52.37
C26 9UJ F . 1.65 -2.21 46.41
C27 9UJ F . -0.01 2.00 53.56
C28 9UJ F . -0.53 3.77 52.30
C29 9UJ F . 0.15 0.58 54.10
C30 9UJ F . -1.07 4.67 51.20
N07 9UJ F . -3.36 -1.46 47.42
N08 9UJ F . 0.13 4.14 53.39
O03 9UJ F . -3.21 -4.12 47.77
O04 9UJ F . -4.34 -1.83 49.43
O05 9UJ F . -5.01 -4.54 46.64
O06 9UJ F . 0.43 3.09 54.11
S02 9UJ F . -2.99 -1.06 44.85
CL01 9UJ F . -0.34 1.08 45.20
C1 A1LYC G . -18.02 -18.03 34.60
O1 A1LYC G . -14.86 -20.34 32.32
C2 A1LYC G . -17.32 -18.85 33.52
C3 A1LYC G . -18.06 -18.70 32.19
N1 A1LYC G . -15.07 -18.52 30.94
N2 A1LYC G . -13.23 -18.93 29.27
C4 A1LYC G . -15.85 -18.45 33.39
C5 A1LYC G . -15.16 -18.74 34.73
C6 A1LYC G . -14.38 -17.76 35.31
C7 A1LYC G . -13.76 -18.01 36.53
C8 A1LYC G . -13.92 -19.23 37.18
C9 A1LYC G . -14.70 -20.20 36.59
C10 A1LYC G . -15.32 -19.96 35.37
CL1 A1LYC G . -13.14 -19.53 38.75
C11 A1LYC G . -15.22 -19.21 32.21
C12 A1LYC G . -14.50 -19.18 29.79
C13 A1LYC G . -12.96 -19.76 28.09
C14 A1LYC G . -14.08 -20.59 27.83
S1 A1LYC G . -15.25 -20.31 28.90
C1 CLR H . -0.97 4.08 18.12
C2 CLR H . -1.45 3.91 16.68
C3 CLR H . -0.27 3.60 15.78
C4 CLR H . 0.44 2.34 16.25
C5 CLR H . 0.68 2.34 17.74
C6 CLR H . 1.86 1.97 18.24
C7 CLR H . 2.01 1.34 19.61
C8 CLR H . 0.77 1.59 20.45
C9 CLR H . 0.11 2.91 20.06
C10 CLR H . -0.42 2.76 18.66
C11 CLR H . -1.01 3.30 21.03
C12 CLR H . -0.77 3.08 22.52
C13 CLR H . -0.14 1.73 22.78
C14 CLR H . 1.10 1.63 21.92
C15 CLR H . 1.84 0.43 22.47
C16 CLR H . 1.51 0.44 23.95
C17 CLR H . 0.42 1.50 24.16
C18 CLR H . -1.13 0.60 22.46
C19 CLR H . -1.49 1.68 18.64
C20 CLR H . -0.62 1.13 25.21
C21 CLR H . -0.86 2.30 26.17
C22 CLR H . -0.23 -0.15 25.96
C23 CLR H . 0.18 0.09 27.41
C24 CLR H . -0.20 -1.11 28.26
C25 CLR H . -0.92 -0.62 29.49
C26 CLR H . -2.34 -0.21 29.13
C27 CLR H . -0.88 -1.69 30.56
O1 CLR H . -0.77 3.39 14.44
C1 PLM I . -26.57 8.47 15.15
O1 PLM I . -26.27 7.79 14.14
O2 PLM I . -27.71 8.94 15.47
C2 PLM I . -25.39 8.77 16.13
C3 PLM I . -24.17 9.45 15.50
C4 PLM I . -22.86 8.67 15.69
C5 PLM I . -22.42 8.54 17.16
C6 PLM I . -21.02 7.96 17.33
C7 PLM I . -20.83 6.59 16.69
C8 PLM I . -19.41 6.31 16.21
C9 PLM I . -18.36 6.30 17.31
CA PLM I . -17.24 5.28 17.10
CB PLM I . -16.24 5.21 18.25
CC PLM I . -15.32 3.99 18.19
CD PLM I . -14.22 3.98 19.25
CE PLM I . -14.69 3.64 20.66
CF PLM I . -13.55 3.28 21.61
CG PLM I . -14.02 2.99 23.04
#